data_7JJN
#
_entry.id   7JJN
#
_cell.length_a   84.180
_cell.length_b   82.760
_cell.length_c   85.860
_cell.angle_alpha   90.000
_cell.angle_beta   92.860
_cell.angle_gamma   90.000
#
_symmetry.space_group_name_H-M   'P 1 21 1'
#
loop_
_entity.id
_entity.type
_entity.pdbx_description
1 polymer Glycosidases
2 branched alpha-D-glucopyranose-(1-4)-alpha-D-glucopyranose-(1-4)-beta-D-glucopyranose
3 non-polymer 1,2-ETHANEDIOL
4 non-polymer GLYCEROL
5 non-polymer 'CALCIUM ION'
6 non-polymer 'SULFATE ION'
7 water water
#
_entity_poly.entity_id   1
_entity_poly.type   'polypeptide(L)'
_entity_poly.pdbx_seq_one_letter_code
;GGKNTETAAKKEYKPSAMEQMNAKNDPNVIQDNYRTCYEVFVYSFFDSDGDGIGDLKGLTEKLDYIEGLGCNEIWMMPIM
PSPSYHKYDITDYMNIDKQYGTLDDFDALITECHKRNINVIIDFVINHTSNEHPWFKAAADYIKSLPDGAEPDSSECPYV
DYYNFSKTNTGGYNQLPGTNWYYESQFVDSMPDLNLQSEAVRGEIDKVTSFWLDRGVDGFRLAAVIYYNNNNQTETIDDL
TWLVNNVKSKKADAYMVGEGWTTYREYAKYYKSGIDSMFNFDFSQQDGYIGKVLNGAANHGASTYGNALVDVENEIKKYT
DSYIDAPFYTNHDMGRSAGYYNGDNAEEKTKMAQAMNLLMPGNAFLYYGEEIGMRGTANDETKRLAMRWSGDSKAKGMCV
GPQNAEETEQTYDTLDKQMEDPYSIYNFVKQTISIRNAFPEIARGTNTFEKDLSNDNVCIFTREYNGEKAVLIFNPSKDE
ASVDVSSLGVNDAVAMLQTTAAAPSYKDGTAKLPAYSVLVLKENLY
;
_entity_poly.pdbx_strand_id   A,B
#
# COMPACT_ATOMS: atom_id res chain seq x y z
N TYR A 13 -29.85 38.56 -19.00
CA TYR A 13 -28.72 37.64 -19.33
C TYR A 13 -29.00 36.92 -20.65
N LYS A 14 -28.11 37.14 -21.63
CA LYS A 14 -28.20 36.55 -22.97
C LYS A 14 -27.10 35.51 -23.11
N PRO A 15 -27.43 34.19 -23.11
CA PRO A 15 -26.41 33.15 -23.19
C PRO A 15 -25.63 33.16 -24.52
N SER A 16 -24.32 32.97 -24.42
CA SER A 16 -23.47 32.75 -25.55
C SER A 16 -23.92 31.47 -26.29
N ALA A 17 -23.49 31.36 -27.54
CA ALA A 17 -23.70 30.19 -28.40
C ALA A 17 -23.18 28.93 -27.70
N MET A 18 -22.01 29.01 -27.05
CA MET A 18 -21.44 27.81 -26.42
C MET A 18 -22.37 27.32 -25.29
N GLU A 19 -22.99 28.26 -24.58
CA GLU A 19 -23.87 27.93 -23.46
C GLU A 19 -25.08 27.15 -23.95
N GLN A 20 -25.64 27.60 -25.08
CA GLN A 20 -26.84 26.99 -25.63
C GLN A 20 -26.51 25.59 -26.18
N MET A 21 -25.34 25.46 -26.81
CA MET A 21 -24.92 24.22 -27.44
C MET A 21 -24.64 23.16 -26.36
N ASN A 22 -23.90 23.55 -25.32
CA ASN A 22 -23.42 22.62 -24.32
C ASN A 22 -24.55 22.07 -23.46
N ALA A 23 -25.58 22.90 -23.22
CA ALA A 23 -26.73 22.59 -22.36
C ALA A 23 -27.58 21.43 -22.90
N LYS A 24 -27.52 21.18 -24.21
CA LYS A 24 -28.35 20.16 -24.88
C LYS A 24 -27.75 18.76 -24.66
N ASN A 25 -26.61 18.67 -23.97
CA ASN A 25 -25.96 17.43 -23.62
C ASN A 25 -26.25 17.13 -22.15
N ASP A 26 -26.86 15.95 -21.88
CA ASP A 26 -27.22 15.55 -20.53
C ASP A 26 -25.96 15.34 -19.69
N PRO A 27 -25.97 15.81 -18.42
CA PRO A 27 -24.89 15.50 -17.48
C PRO A 27 -24.79 13.98 -17.30
N ASN A 28 -23.55 13.49 -17.23
CA ASN A 28 -23.25 12.10 -17.02
C ASN A 28 -22.13 12.04 -15.97
N VAL A 29 -22.51 12.27 -14.72
CA VAL A 29 -21.56 12.31 -13.63
C VAL A 29 -21.54 10.92 -12.99
N ILE A 30 -20.38 10.25 -13.07
CA ILE A 30 -20.22 8.90 -12.55
C ILE A 30 -19.63 8.98 -11.14
N GLN A 31 -20.19 8.19 -10.21
CA GLN A 31 -19.80 8.25 -8.77
C GLN A 31 -18.56 7.38 -8.53
N ASP A 32 -17.42 7.86 -8.99
CA ASP A 32 -16.14 7.15 -8.84
C ASP A 32 -15.10 8.22 -8.49
N ASN A 33 -13.81 7.92 -8.68
CA ASN A 33 -12.76 8.82 -8.24
C ASN A 33 -12.22 9.69 -9.39
N TYR A 34 -12.85 9.66 -10.57
CA TYR A 34 -12.59 10.68 -11.59
C TYR A 34 -13.62 11.80 -11.38
N ARG A 35 -13.18 12.88 -10.74
CA ARG A 35 -14.06 13.95 -10.39
C ARG A 35 -13.47 15.26 -10.88
N THR A 36 -14.16 16.36 -10.55
CA THR A 36 -13.63 17.71 -10.68
C THR A 36 -13.53 18.31 -9.26
N CYS A 37 -12.30 18.55 -8.83
CA CYS A 37 -11.98 18.93 -7.47
C CYS A 37 -11.65 20.43 -7.37
N TYR A 38 -12.33 21.10 -6.45
CA TYR A 38 -12.10 22.50 -6.09
C TYR A 38 -11.20 22.55 -4.85
N GLU A 39 -10.01 23.15 -5.00
CA GLU A 39 -9.08 23.27 -3.90
C GLU A 39 -9.36 24.58 -3.15
N VAL A 40 -9.77 24.47 -1.88
CA VAL A 40 -10.14 25.61 -1.05
C VAL A 40 -9.07 25.87 0.03
N PHE A 41 -8.69 27.15 0.15
CA PHE A 41 -8.02 27.67 1.33
C PHE A 41 -9.10 28.25 2.25
N VAL A 42 -9.45 27.48 3.28
CA VAL A 42 -10.55 27.79 4.18
C VAL A 42 -10.35 29.20 4.75
N TYR A 43 -9.11 29.55 5.09
CA TYR A 43 -8.73 30.83 5.67
C TYR A 43 -9.27 32.00 4.83
N SER A 44 -9.24 31.87 3.50
CA SER A 44 -9.49 33.01 2.59
C SER A 44 -10.80 32.88 1.81
N PHE A 45 -11.64 31.90 2.17
CA PHE A 45 -12.79 31.57 1.33
C PHE A 45 -14.02 32.36 1.82
N PHE A 46 -14.70 31.86 2.85
CA PHE A 46 -15.94 32.48 3.28
C PHE A 46 -16.07 32.41 4.80
N ASP A 47 -16.29 33.60 5.39
CA ASP A 47 -16.34 33.85 6.83
C ASP A 47 -17.81 33.86 7.27
N SER A 48 -18.16 32.97 8.21
CA SER A 48 -19.54 32.82 8.67
C SER A 48 -19.84 33.66 9.92
N ASP A 49 -18.83 34.02 10.72
CA ASP A 49 -19.08 34.66 12.03
C ASP A 49 -18.55 36.10 12.12
N GLY A 50 -17.97 36.64 11.04
CA GLY A 50 -17.71 38.07 10.89
C GLY A 50 -16.38 38.54 11.47
N ASP A 51 -15.42 37.63 11.72
CA ASP A 51 -14.09 37.98 12.25
C ASP A 51 -13.09 38.22 11.10
N GLY A 52 -13.54 38.03 9.84
CA GLY A 52 -12.71 38.24 8.65
C GLY A 52 -11.88 37.02 8.26
N ILE A 53 -11.90 35.96 9.09
CA ILE A 53 -11.20 34.73 8.77
C ILE A 53 -12.23 33.72 8.27
N GLY A 54 -11.96 33.08 7.14
CA GLY A 54 -12.82 32.02 6.61
C GLY A 54 -12.79 30.79 7.48
N ASP A 55 -13.87 30.01 7.41
CA ASP A 55 -14.12 28.92 8.35
C ASP A 55 -14.92 27.82 7.66
N LEU A 56 -15.09 26.70 8.36
CA LEU A 56 -15.81 25.52 7.84
C LEU A 56 -17.30 25.84 7.60
N LYS A 57 -17.90 26.58 8.54
CA LYS A 57 -19.31 26.95 8.44
C LYS A 57 -19.49 27.76 7.15
N GLY A 58 -18.53 28.65 6.88
CA GLY A 58 -18.50 29.49 5.69
C GLY A 58 -18.43 28.67 4.41
N LEU A 59 -17.54 27.69 4.40
CA LEU A 59 -17.42 26.77 3.25
C LEU A 59 -18.74 26.03 3.02
N THR A 60 -19.36 25.57 4.12
CA THR A 60 -20.63 24.85 4.09
C THR A 60 -21.70 25.74 3.44
N GLU A 61 -21.71 27.03 3.78
CA GLU A 61 -22.71 27.97 3.29
C GLU A 61 -22.53 28.21 1.79
N LYS A 62 -21.34 27.92 1.25
CA LYS A 62 -21.04 28.21 -0.16
C LYS A 62 -20.98 26.93 -1.00
N LEU A 63 -21.55 25.82 -0.52
CA LEU A 63 -21.53 24.55 -1.25
C LEU A 63 -22.43 24.59 -2.50
N ASP A 64 -23.49 25.41 -2.47
CA ASP A 64 -24.35 25.64 -3.62
C ASP A 64 -23.55 26.29 -4.76
N TYR A 65 -22.65 27.23 -4.39
CA TYR A 65 -21.81 27.87 -5.37
C TYR A 65 -20.91 26.82 -6.06
N ILE A 66 -20.20 26.03 -5.24
CA ILE A 66 -19.22 25.07 -5.73
C ILE A 66 -19.91 24.01 -6.60
N GLU A 67 -21.08 23.53 -6.15
CA GLU A 67 -21.84 22.52 -6.87
C GLU A 67 -22.37 23.10 -8.19
N GLY A 68 -22.76 24.38 -8.17
CA GLY A 68 -23.27 25.08 -9.36
C GLY A 68 -22.18 25.34 -10.38
N LEU A 69 -20.94 25.46 -9.91
CA LEU A 69 -19.76 25.57 -10.77
C LEU A 69 -19.55 24.23 -11.53
N GLY A 70 -19.98 23.10 -10.91
CA GLY A 70 -19.94 21.76 -11.52
C GLY A 70 -18.91 20.84 -10.87
N CYS A 71 -18.22 21.32 -9.83
CA CYS A 71 -17.25 20.51 -9.08
C CYS A 71 -17.99 19.52 -8.16
N ASN A 72 -17.52 18.27 -8.11
CA ASN A 72 -18.14 17.25 -7.27
C ASN A 72 -17.07 16.61 -6.36
N GLU A 73 -16.04 17.39 -6.04
CA GLU A 73 -15.05 17.06 -5.01
C GLU A 73 -14.48 18.37 -4.45
N ILE A 74 -14.19 18.36 -3.14
CA ILE A 74 -13.46 19.47 -2.51
C ILE A 74 -12.23 18.92 -1.79
N TRP A 75 -11.08 19.56 -2.05
CA TRP A 75 -9.85 19.41 -1.26
C TRP A 75 -9.60 20.71 -0.47
N MET A 76 -9.61 20.61 0.86
CA MET A 76 -9.29 21.70 1.73
C MET A 76 -7.80 21.63 2.12
N MET A 77 -7.14 22.78 2.05
CA MET A 77 -5.84 22.94 2.62
C MET A 77 -5.95 22.64 4.12
N PRO A 78 -4.84 22.42 4.85
CA PRO A 78 -4.91 21.82 6.20
C PRO A 78 -5.87 22.53 7.17
N ILE A 79 -6.66 21.74 7.90
CA ILE A 79 -7.72 22.26 8.76
C ILE A 79 -7.43 21.98 10.25
N MET A 80 -6.29 21.35 10.56
CA MET A 80 -6.00 20.95 11.95
C MET A 80 -5.23 22.05 12.67
N PRO A 81 -5.19 22.05 14.03
CA PRO A 81 -4.49 23.09 14.78
C PRO A 81 -3.04 23.34 14.34
N SER A 82 -2.69 24.63 14.23
CA SER A 82 -1.42 25.11 13.71
C SER A 82 -1.20 26.55 14.15
N PRO A 83 0.04 26.96 14.48
CA PRO A 83 0.31 28.35 14.83
C PRO A 83 0.38 29.30 13.61
N SER A 84 0.41 28.76 12.39
CA SER A 84 0.53 29.58 11.17
C SER A 84 -0.85 29.78 10.52
N TYR A 85 -0.93 30.73 9.58
CA TYR A 85 -2.15 31.02 8.83
C TYR A 85 -2.44 29.91 7.81
N HIS A 86 -1.39 29.25 7.31
CA HIS A 86 -1.52 28.32 6.19
C HIS A 86 -1.81 26.90 6.72
N LYS A 87 -1.23 26.58 7.88
CA LYS A 87 -1.60 25.44 8.74
C LYS A 87 -0.97 24.11 8.28
N TYR A 88 0.12 24.18 7.50
CA TYR A 88 0.90 23.01 7.10
C TYR A 88 1.83 22.50 8.23
N ASP A 89 2.01 23.28 9.30
CA ASP A 89 2.78 22.87 10.48
C ASP A 89 1.79 22.55 11.63
N ILE A 90 1.60 21.26 11.91
CA ILE A 90 0.47 20.76 12.68
C ILE A 90 0.89 20.45 14.12
N THR A 91 0.01 20.78 15.08
CA THR A 91 0.21 20.54 16.54
C THR A 91 -0.79 19.53 17.10
N ASP A 92 -1.79 19.15 16.31
CA ASP A 92 -2.83 18.22 16.74
C ASP A 92 -3.50 17.61 15.50
N TYR A 93 -3.32 16.30 15.31
CA TYR A 93 -3.80 15.61 14.10
C TYR A 93 -5.27 15.14 14.24
N MET A 94 -5.92 15.36 15.39
CA MET A 94 -7.30 14.85 15.57
C MET A 94 -8.24 15.95 16.10
N ASN A 95 -8.13 17.15 15.54
CA ASN A 95 -9.05 18.24 15.84
C ASN A 95 -9.03 19.24 14.67
N ILE A 96 -9.84 20.30 14.81
CA ILE A 96 -9.93 21.39 13.87
C ILE A 96 -9.26 22.61 14.51
N ASP A 97 -8.58 23.44 13.72
CA ASP A 97 -8.01 24.69 14.20
C ASP A 97 -9.16 25.62 14.59
N LYS A 98 -9.02 26.30 15.74
CA LYS A 98 -10.11 27.10 16.32
C LYS A 98 -10.55 28.22 15.36
N GLN A 99 -9.65 28.73 14.51
CA GLN A 99 -9.99 29.75 13.50
C GLN A 99 -11.00 29.22 12.48
N TYR A 100 -11.04 27.89 12.27
CA TYR A 100 -11.89 27.27 11.26
C TYR A 100 -13.21 26.74 11.86
N GLY A 101 -13.27 26.59 13.18
CA GLY A 101 -14.43 26.07 13.87
C GLY A 101 -14.10 24.84 14.70
N THR A 102 -15.04 23.88 14.73
CA THR A 102 -14.97 22.72 15.62
C THR A 102 -15.15 21.43 14.80
N LEU A 103 -15.01 20.29 15.48
CA LEU A 103 -15.26 18.99 14.89
C LEU A 103 -16.73 18.86 14.47
N ASP A 104 -17.64 19.49 15.22
CA ASP A 104 -19.08 19.49 14.90
C ASP A 104 -19.34 20.23 13.58
N ASP A 105 -18.60 21.32 13.32
CA ASP A 105 -18.72 22.07 12.06
C ASP A 105 -18.19 21.22 10.90
N PHE A 106 -17.15 20.42 11.16
CA PHE A 106 -16.57 19.52 10.16
C PHE A 106 -17.59 18.44 9.80
N ASP A 107 -18.25 17.87 10.82
CA ASP A 107 -19.25 16.83 10.64
C ASP A 107 -20.41 17.35 9.76
N ALA A 108 -20.85 18.58 10.00
CA ALA A 108 -21.94 19.20 9.27
C ALA A 108 -21.54 19.45 7.80
N LEU A 109 -20.30 19.85 7.58
CA LEU A 109 -19.74 20.06 6.25
C LEU A 109 -19.78 18.75 5.44
N ILE A 110 -19.35 17.66 6.06
CA ILE A 110 -19.30 16.32 5.42
C ILE A 110 -20.72 15.91 5.00
N THR A 111 -21.68 16.09 5.91
CA THR A 111 -23.08 15.71 5.71
C THR A 111 -23.64 16.44 4.48
N GLU A 112 -23.35 17.75 4.41
CA GLU A 112 -23.86 18.64 3.37
C GLU A 112 -23.15 18.34 2.05
N CYS A 113 -21.86 17.99 2.12
CA CYS A 113 -21.12 17.58 0.95
C CYS A 113 -21.72 16.30 0.36
N HIS A 114 -21.92 15.27 1.19
CA HIS A 114 -22.39 13.96 0.71
C HIS A 114 -23.83 14.05 0.18
N LYS A 115 -24.67 14.89 0.80
CA LYS A 115 -26.04 15.14 0.33
C LYS A 115 -26.03 15.67 -1.10
N ARG A 116 -24.95 16.37 -1.49
CA ARG A 116 -24.77 16.96 -2.81
C ARG A 116 -23.89 16.08 -3.69
N ASN A 117 -23.57 14.86 -3.23
CA ASN A 117 -22.64 13.94 -3.93
C ASN A 117 -21.32 14.62 -4.21
N ILE A 118 -20.82 15.39 -3.23
CA ILE A 118 -19.49 15.97 -3.28
C ILE A 118 -18.62 15.19 -2.30
N ASN A 119 -17.46 14.74 -2.77
CA ASN A 119 -16.49 14.02 -1.95
C ASN A 119 -15.53 15.02 -1.30
N VAL A 120 -15.02 14.67 -0.11
CA VAL A 120 -14.16 15.57 0.65
C VAL A 120 -12.78 14.93 0.82
N ILE A 121 -11.76 15.69 0.40
CA ILE A 121 -10.36 15.33 0.46
C ILE A 121 -9.68 16.26 1.48
N ILE A 122 -8.98 15.69 2.46
CA ILE A 122 -8.27 16.52 3.43
C ILE A 122 -6.77 16.47 3.13
N ASP A 123 -6.09 17.60 3.36
CA ASP A 123 -4.65 17.70 3.25
C ASP A 123 -4.03 16.92 4.41
N PHE A 124 -3.21 15.93 4.07
CA PHE A 124 -2.63 14.98 5.01
C PHE A 124 -1.11 15.20 5.02
N VAL A 125 -0.62 15.84 6.10
CA VAL A 125 0.72 16.35 6.18
C VAL A 125 1.47 15.53 7.24
N ILE A 126 2.17 14.47 6.80
CA ILE A 126 2.86 13.56 7.72
C ILE A 126 4.37 13.52 7.45
N ASN A 127 4.88 14.32 6.50
CA ASN A 127 6.34 14.38 6.32
C ASN A 127 6.99 15.14 7.49
N HIS A 128 6.24 16.06 8.12
CA HIS A 128 6.71 16.82 9.27
C HIS A 128 5.52 17.20 10.16
N THR A 129 5.85 17.63 11.39
CA THR A 129 4.94 18.30 12.31
C THR A 129 5.49 19.68 12.58
N SER A 130 4.68 20.50 13.27
CA SER A 130 5.17 21.70 13.94
C SER A 130 6.20 21.32 15.00
N ASN A 131 7.13 22.23 15.29
CA ASN A 131 8.03 22.10 16.46
C ASN A 131 7.25 22.33 17.77
N GLU A 132 5.99 22.78 17.67
CA GLU A 132 5.11 22.95 18.81
C GLU A 132 4.20 21.73 19.02
N HIS A 133 4.27 20.72 18.14
CA HIS A 133 3.56 19.47 18.36
C HIS A 133 4.08 18.82 19.64
N PRO A 134 3.19 18.32 20.53
CA PRO A 134 3.62 17.69 21.78
C PRO A 134 4.68 16.59 21.62
N TRP A 135 4.64 15.80 20.54
CA TRP A 135 5.67 14.77 20.28
C TRP A 135 7.07 15.40 20.27
N PHE A 136 7.21 16.52 19.54
CA PHE A 136 8.51 17.18 19.39
C PHE A 136 8.89 17.91 20.68
N LYS A 137 7.92 18.55 21.33
CA LYS A 137 8.23 19.25 22.58
C LYS A 137 8.86 18.27 23.57
N ALA A 138 8.23 17.09 23.68
CA ALA A 138 8.64 16.05 24.61
C ALA A 138 10.01 15.50 24.20
N ALA A 139 10.19 15.17 22.92
CA ALA A 139 11.49 14.67 22.44
C ALA A 139 12.59 15.69 22.75
N ALA A 140 12.29 16.97 22.47
CA ALA A 140 13.27 18.07 22.60
C ALA A 140 13.68 18.25 24.07
N ASP A 141 12.69 18.24 24.96
CA ASP A 141 12.92 18.36 26.39
C ASP A 141 13.78 17.19 26.86
N TYR A 142 13.51 15.99 26.34
CA TYR A 142 14.20 14.76 26.74
C TYR A 142 15.67 14.82 26.31
N ILE A 143 15.88 15.20 25.04
CA ILE A 143 17.19 15.32 24.43
C ILE A 143 18.02 16.32 25.23
N LYS A 144 17.43 17.48 25.52
CA LYS A 144 18.09 18.53 26.27
C LYS A 144 18.43 18.02 27.69
N SER A 145 17.64 17.11 28.25
CA SER A 145 17.83 16.62 29.63
C SER A 145 19.07 15.70 29.75
N LEU A 146 19.50 15.09 28.65
CA LEU A 146 20.56 14.08 28.67
C LEU A 146 21.88 14.71 29.08
N PRO A 147 22.69 14.08 29.97
CA PRO A 147 24.04 14.53 30.22
C PRO A 147 24.98 14.27 29.03
N ASP A 148 26.23 14.74 29.15
CA ASP A 148 27.25 14.67 28.10
C ASP A 148 27.37 13.25 27.54
N GLY A 149 27.51 12.27 28.45
CA GLY A 149 27.43 10.83 28.12
C GLY A 149 26.41 10.55 27.03
N ALA A 150 25.13 10.82 27.32
CA ALA A 150 24.07 10.91 26.31
C ALA A 150 23.70 9.52 25.77
N GLU A 151 23.47 9.46 24.45
CA GLU A 151 22.79 8.36 23.74
C GLU A 151 21.36 8.22 24.30
N PRO A 152 20.37 8.75 23.55
CA PRO A 152 18.96 8.57 23.85
C PRO A 152 18.48 7.12 23.99
N ASP A 153 17.39 6.93 24.74
CA ASP A 153 16.79 5.63 25.02
C ASP A 153 15.28 5.76 24.74
N SER A 154 14.82 5.14 23.66
CA SER A 154 13.43 5.29 23.19
C SER A 154 12.44 4.60 24.15
N SER A 155 12.94 3.78 25.07
CA SER A 155 12.10 3.25 26.15
C SER A 155 11.86 4.33 27.23
N GLU A 156 12.81 5.25 27.42
CA GLU A 156 12.61 6.40 28.32
C GLU A 156 11.70 7.43 27.64
N CYS A 157 11.98 7.72 26.35
CA CYS A 157 11.18 8.68 25.58
C CYS A 157 11.00 8.15 24.15
N PRO A 158 9.89 7.47 23.83
CA PRO A 158 9.68 6.94 22.48
C PRO A 158 9.64 8.00 21.37
N TYR A 159 9.36 9.26 21.75
CA TYR A 159 9.20 10.35 20.82
C TYR A 159 10.56 10.71 20.21
N VAL A 160 11.64 10.31 20.87
CA VAL A 160 12.99 10.59 20.37
C VAL A 160 13.17 9.91 19.00
N ASP A 161 12.45 8.82 18.75
CA ASP A 161 12.57 8.08 17.49
C ASP A 161 11.44 8.46 16.53
N TYR A 162 10.53 9.36 16.93
CA TYR A 162 9.50 9.90 16.03
C TYR A 162 10.11 10.92 15.06
N TYR A 163 11.23 11.53 15.48
CA TYR A 163 11.97 12.50 14.68
C TYR A 163 13.40 11.99 14.50
N ASN A 164 14.19 12.68 13.68
CA ASN A 164 15.58 12.28 13.44
C ASN A 164 16.51 13.28 14.12
N PHE A 165 17.03 12.88 15.30
CA PHE A 165 17.98 13.64 16.07
C PHE A 165 19.39 13.09 15.88
N SER A 166 20.39 13.97 15.82
CA SER A 166 21.78 13.57 15.59
C SER A 166 22.74 14.62 16.15
N LYS A 167 23.96 14.21 16.46
CA LYS A 167 25.05 15.13 16.81
C LYS A 167 25.73 15.64 15.53
N THR A 168 25.30 15.16 14.36
CA THR A 168 25.86 15.51 13.06
C THR A 168 24.86 16.35 12.23
N ASN A 169 25.31 17.51 11.72
CA ASN A 169 24.51 18.36 10.78
C ASN A 169 24.51 17.81 9.36
N THR A 170 23.80 16.70 9.08
CA THR A 170 23.70 16.24 7.68
C THR A 170 22.91 17.29 6.89
N GLY A 171 22.39 16.88 5.72
CA GLY A 171 21.58 17.73 4.86
C GLY A 171 20.18 17.94 5.44
N GLY A 172 19.87 19.21 5.76
CA GLY A 172 18.53 19.65 6.16
C GLY A 172 18.28 19.50 7.65
N TYR A 173 19.34 19.59 8.45
CA TYR A 173 19.26 19.50 9.90
C TYR A 173 19.46 20.91 10.48
N ASN A 174 18.78 21.19 11.60
CA ASN A 174 18.86 22.46 12.33
C ASN A 174 19.18 22.15 13.80
N GLN A 175 19.85 23.11 14.45
CA GLN A 175 20.28 22.97 15.81
C GLN A 175 19.08 23.07 16.76
N LEU A 176 19.04 22.18 17.75
CA LEU A 176 18.15 22.28 18.89
C LEU A 176 18.73 23.29 19.87
N PRO A 177 18.16 24.52 19.98
CA PRO A 177 18.79 25.61 20.73
C PRO A 177 19.24 25.21 22.14
N GLY A 178 20.45 25.67 22.50
CA GLY A 178 21.05 25.43 23.81
C GLY A 178 21.66 24.05 23.96
N THR A 179 21.84 23.30 22.86
CA THR A 179 22.40 21.94 22.93
C THR A 179 23.42 21.72 21.78
N ASN A 180 24.03 20.53 21.79
CA ASN A 180 24.91 20.05 20.71
C ASN A 180 24.14 19.17 19.70
N TRP A 181 22.82 19.02 19.90
CA TRP A 181 22.01 18.14 19.09
C TRP A 181 21.44 18.90 17.89
N TYR A 182 21.08 18.16 16.84
CA TYR A 182 20.43 18.64 15.66
C TYR A 182 19.26 17.72 15.30
N TYR A 183 18.30 18.27 14.57
CA TYR A 183 17.16 17.51 14.16
C TYR A 183 16.83 17.85 12.70
N GLU A 184 16.32 16.85 11.99
CA GLU A 184 15.99 17.00 10.58
C GLU A 184 14.74 17.86 10.42
N SER A 185 14.85 18.88 9.57
CA SER A 185 13.81 19.88 9.34
C SER A 185 14.04 20.53 7.96
N GLN A 186 13.86 19.73 6.91
CA GLN A 186 14.09 20.09 5.49
C GLN A 186 13.52 21.46 5.12
N PHE A 187 12.27 21.74 5.50
CA PHE A 187 11.54 22.93 5.04
C PHE A 187 11.97 24.18 5.83
N VAL A 188 12.08 24.04 7.15
CA VAL A 188 12.42 25.16 8.06
C VAL A 188 12.49 24.59 9.49
N ASP A 189 13.16 25.29 10.39
CA ASP A 189 13.47 24.79 11.75
C ASP A 189 12.18 24.50 12.54
N SER A 190 11.09 25.22 12.22
CA SER A 190 9.79 25.09 12.90
C SER A 190 8.95 23.94 12.32
N MET A 191 9.54 23.12 11.44
CA MET A 191 8.87 21.97 10.84
C MET A 191 9.78 20.73 10.93
N PRO A 192 9.96 20.12 12.12
CA PRO A 192 10.73 18.87 12.25
C PRO A 192 10.11 17.67 11.50
N ASP A 193 10.97 16.93 10.78
CA ASP A 193 10.58 15.82 9.91
C ASP A 193 10.31 14.56 10.74
N LEU A 194 9.19 13.91 10.44
CA LEU A 194 8.82 12.64 11.06
C LEU A 194 9.65 11.50 10.44
N ASN A 195 10.03 10.55 11.29
CA ASN A 195 10.68 9.31 10.87
C ASN A 195 9.57 8.31 10.51
N LEU A 196 9.24 8.23 9.22
CA LEU A 196 8.12 7.39 8.73
C LEU A 196 8.55 5.92 8.61
N GLN A 197 9.82 5.60 8.92
CA GLN A 197 10.28 4.22 9.07
C GLN A 197 9.95 3.68 10.47
N SER A 198 9.67 4.57 11.43
CA SER A 198 9.33 4.17 12.81
C SER A 198 7.96 3.48 12.84
N GLU A 199 7.91 2.26 13.39
CA GLU A 199 6.65 1.55 13.59
C GLU A 199 5.76 2.30 14.59
N ALA A 200 6.36 2.96 15.57
CA ALA A 200 5.61 3.78 16.53
C ALA A 200 4.92 4.92 15.76
N VAL A 201 5.68 5.60 14.90
CA VAL A 201 5.15 6.71 14.10
C VAL A 201 4.02 6.19 13.20
N ARG A 202 4.19 5.00 12.63
CA ARG A 202 3.20 4.41 11.71
C ARG A 202 1.93 4.01 12.50
N GLY A 203 2.13 3.58 13.75
CA GLY A 203 1.05 3.35 14.71
C GLY A 203 0.21 4.59 14.97
N GLU A 204 0.88 5.75 15.11
CA GLU A 204 0.21 7.03 15.33
C GLU A 204 -0.59 7.44 14.10
N ILE A 205 0.00 7.31 12.91
CA ILE A 205 -0.64 7.73 11.65
C ILE A 205 -1.84 6.81 11.37
N ASP A 206 -1.73 5.55 11.78
CA ASP A 206 -2.81 4.56 11.71
C ASP A 206 -4.04 5.08 12.45
N LYS A 207 -3.85 5.56 13.68
CA LYS A 207 -4.91 6.10 14.51
C LYS A 207 -5.48 7.35 13.83
N VAL A 208 -4.62 8.13 13.19
CA VAL A 208 -5.05 9.38 12.58
C VAL A 208 -5.90 9.07 11.34
N THR A 209 -5.50 8.10 10.50
CA THR A 209 -6.30 7.77 9.29
C THR A 209 -7.65 7.17 9.70
N SER A 210 -7.67 6.43 10.82
CA SER A 210 -8.90 5.85 11.35
C SER A 210 -9.84 6.95 11.82
N PHE A 211 -9.28 7.96 12.50
CA PHE A 211 -10.03 9.10 12.99
C PHE A 211 -10.75 9.81 11.83
N TRP A 212 -10.02 10.18 10.78
CA TRP A 212 -10.64 10.97 9.73
C TRP A 212 -11.57 10.14 8.84
N LEU A 213 -11.20 8.89 8.55
CA LEU A 213 -12.04 8.01 7.75
C LEU A 213 -13.37 7.75 8.47
N ASP A 214 -13.33 7.60 9.80
CA ASP A 214 -14.52 7.33 10.63
C ASP A 214 -15.51 8.50 10.62
N ARG A 215 -15.06 9.71 10.24
CA ARG A 215 -15.91 10.88 10.10
C ARG A 215 -16.28 11.12 8.63
N GLY A 216 -16.08 10.13 7.77
CA GLY A 216 -16.64 10.12 6.41
C GLY A 216 -15.75 10.82 5.39
N VAL A 217 -14.45 10.98 5.67
CA VAL A 217 -13.51 11.54 4.69
C VAL A 217 -13.36 10.55 3.52
N ASP A 218 -13.30 11.08 2.30
CA ASP A 218 -13.34 10.27 1.08
C ASP A 218 -11.93 10.00 0.54
N GLY A 219 -10.95 10.80 0.96
CA GLY A 219 -9.60 10.65 0.49
C GLY A 219 -8.66 11.66 1.11
N PHE A 220 -7.39 11.60 0.69
CA PHE A 220 -6.32 12.41 1.22
C PHE A 220 -5.45 12.98 0.09
N ARG A 221 -5.12 14.27 0.21
CA ARG A 221 -4.01 14.86 -0.51
C ARG A 221 -2.75 14.71 0.36
N LEU A 222 -1.74 13.99 -0.14
CA LEU A 222 -0.53 13.68 0.61
C LEU A 222 0.55 14.72 0.29
N ALA A 223 0.83 15.59 1.26
CA ALA A 223 1.80 16.65 1.11
C ALA A 223 3.20 16.04 1.11
N ALA A 224 4.04 16.54 0.18
CA ALA A 224 5.48 16.40 0.18
C ALA A 224 5.89 14.92 0.14
N VAL A 225 5.22 14.13 -0.71
CA VAL A 225 5.38 12.66 -0.65
C VAL A 225 6.82 12.27 -0.98
N ILE A 226 7.51 13.09 -1.80
CA ILE A 226 8.87 12.79 -2.21
C ILE A 226 9.87 13.16 -1.10
N TYR A 227 9.40 13.70 0.03
CA TYR A 227 10.30 14.07 1.13
C TYR A 227 9.99 13.23 2.38
N TYR A 228 9.34 12.09 2.16
CA TYR A 228 8.90 11.23 3.26
C TYR A 228 10.13 10.69 4.00
N ASN A 229 11.18 10.37 3.27
CA ASN A 229 12.40 9.84 3.88
C ASN A 229 13.61 10.60 3.30
N ASN A 230 13.47 11.92 3.22
CA ASN A 230 14.56 12.84 2.93
C ASN A 230 15.00 12.59 1.49
N ASN A 231 16.20 12.03 1.28
CA ASN A 231 16.79 11.89 -0.06
C ASN A 231 16.73 10.43 -0.53
N ASN A 232 16.26 9.53 0.33
CA ASN A 232 16.21 8.11 0.07
C ASN A 232 14.88 7.75 -0.61
N GLN A 233 14.89 7.73 -1.93
CA GLN A 233 13.68 7.54 -2.73
C GLN A 233 13.11 6.14 -2.49
N THR A 234 13.97 5.16 -2.20
CA THR A 234 13.56 3.80 -1.89
C THR A 234 12.68 3.79 -0.62
N GLU A 235 13.19 4.34 0.48
CA GLU A 235 12.45 4.35 1.74
C GLU A 235 11.17 5.19 1.58
N THR A 236 11.21 6.24 0.75
CA THR A 236 10.08 7.12 0.47
C THR A 236 8.93 6.34 -0.15
N ILE A 237 9.23 5.58 -1.21
CA ILE A 237 8.24 4.75 -1.87
C ILE A 237 7.77 3.67 -0.89
N ASP A 238 8.67 3.12 -0.05
CA ASP A 238 8.25 2.16 0.98
C ASP A 238 7.22 2.84 1.90
N ASP A 239 7.49 4.10 2.27
CA ASP A 239 6.65 4.85 3.21
C ASP A 239 5.26 5.09 2.62
N LEU A 240 5.24 5.52 1.35
CA LEU A 240 4.03 5.82 0.62
C LEU A 240 3.20 4.54 0.45
N THR A 241 3.88 3.44 0.06
CA THR A 241 3.27 2.13 -0.08
C THR A 241 2.57 1.77 1.23
N TRP A 242 3.29 1.92 2.34
CA TRP A 242 2.71 1.59 3.63
C TRP A 242 1.43 2.40 3.85
N LEU A 243 1.48 3.70 3.54
CA LEU A 243 0.38 4.60 3.80
C LEU A 243 -0.82 4.26 2.89
N VAL A 244 -0.55 4.07 1.60
CA VAL A 244 -1.61 3.78 0.64
C VAL A 244 -2.40 2.55 1.09
N ASN A 245 -1.66 1.52 1.52
CA ASN A 245 -2.23 0.26 1.95
C ASN A 245 -2.96 0.46 3.30
N ASN A 246 -2.41 1.26 4.20
CA ASN A 246 -3.07 1.53 5.48
C ASN A 246 -4.47 2.10 5.22
N VAL A 247 -4.56 2.99 4.23
CA VAL A 247 -5.79 3.71 3.96
C VAL A 247 -6.76 2.78 3.21
N LYS A 248 -6.31 2.20 2.10
CA LYS A 248 -7.18 1.35 1.26
C LYS A 248 -7.60 0.07 2.01
N SER A 249 -6.77 -0.38 2.95
CA SER A 249 -7.12 -1.46 3.86
C SER A 249 -8.46 -1.19 4.57
N LYS A 250 -8.69 0.08 4.94
CA LYS A 250 -9.82 0.49 5.75
C LYS A 250 -11.01 0.90 4.88
N LYS A 251 -10.74 1.52 3.75
CA LYS A 251 -11.75 1.96 2.82
C LYS A 251 -11.18 1.82 1.40
N ALA A 252 -11.67 0.81 0.67
CA ALA A 252 -11.08 0.35 -0.58
C ALA A 252 -11.15 1.44 -1.66
N ASP A 253 -12.20 2.24 -1.67
CA ASP A 253 -12.37 3.25 -2.72
C ASP A 253 -11.83 4.62 -2.27
N ALA A 254 -11.06 4.66 -1.17
CA ALA A 254 -10.45 5.89 -0.68
C ALA A 254 -9.47 6.43 -1.73
N TYR A 255 -9.52 7.74 -1.97
CA TYR A 255 -8.75 8.36 -3.03
C TYR A 255 -7.55 9.10 -2.44
N MET A 256 -6.38 8.91 -3.05
CA MET A 256 -5.16 9.53 -2.56
C MET A 256 -4.37 10.11 -3.72
N VAL A 257 -3.99 11.38 -3.58
CA VAL A 257 -3.24 12.10 -4.57
C VAL A 257 -1.99 12.67 -3.89
N GLY A 258 -0.83 12.38 -4.49
CA GLY A 258 0.45 12.74 -3.94
C GLY A 258 0.98 13.98 -4.62
N GLU A 259 1.58 14.86 -3.82
CA GLU A 259 2.32 16.00 -4.29
C GLU A 259 3.81 15.64 -4.42
N GLY A 260 4.24 15.43 -5.66
CA GLY A 260 5.64 15.22 -5.99
C GLY A 260 6.12 16.29 -6.95
N TRP A 261 6.60 17.39 -6.34
CA TRP A 261 7.04 18.57 -7.04
C TRP A 261 8.39 18.29 -7.72
N THR A 262 8.34 17.82 -8.96
CA THR A 262 9.52 17.41 -9.71
C THR A 262 9.07 17.20 -11.17
N THR A 263 9.97 16.67 -12.01
CA THR A 263 9.69 16.35 -13.41
C THR A 263 8.93 15.02 -13.48
N TYR A 264 8.37 14.72 -14.66
CA TYR A 264 7.47 13.59 -14.83
C TYR A 264 8.24 12.27 -14.80
N ARG A 265 9.50 12.26 -15.26
CA ARG A 265 10.35 11.08 -15.16
C ARG A 265 10.49 10.68 -13.67
N GLU A 266 10.43 11.67 -12.76
CA GLU A 266 10.54 11.41 -11.33
C GLU A 266 9.17 11.06 -10.73
N TYR A 267 8.15 11.90 -10.94
CA TYR A 267 6.92 11.69 -10.20
C TYR A 267 6.18 10.44 -10.72
N ALA A 268 6.46 10.02 -11.96
CA ALA A 268 5.89 8.75 -12.48
C ALA A 268 6.26 7.57 -11.57
N LYS A 269 7.50 7.55 -11.09
CA LYS A 269 8.05 6.47 -10.26
C LYS A 269 7.19 6.23 -9.02
N TYR A 270 6.58 7.26 -8.46
CA TYR A 270 5.90 7.16 -7.17
C TYR A 270 4.60 6.36 -7.32
N TYR A 271 4.12 6.20 -8.56
CA TYR A 271 2.97 5.33 -8.84
C TYR A 271 3.26 3.86 -8.46
N LYS A 272 4.53 3.49 -8.28
CA LYS A 272 4.89 2.14 -7.82
C LYS A 272 4.28 1.86 -6.44
N SER A 273 3.96 2.90 -5.69
CA SER A 273 3.38 2.77 -4.37
C SER A 273 1.94 2.23 -4.44
N GLY A 274 1.30 2.31 -5.61
CA GLY A 274 -0.10 1.97 -5.78
C GLY A 274 -1.02 3.14 -5.48
N ILE A 275 -0.47 4.33 -5.25
CA ILE A 275 -1.26 5.54 -5.07
C ILE A 275 -2.09 5.78 -6.34
N ASP A 276 -3.28 6.37 -6.16
CA ASP A 276 -4.24 6.58 -7.25
C ASP A 276 -3.68 7.61 -8.22
N SER A 277 -3.14 8.70 -7.68
CA SER A 277 -2.77 9.90 -8.42
C SER A 277 -1.47 10.51 -7.90
N MET A 278 -0.69 11.03 -8.85
CA MET A 278 0.34 12.03 -8.59
C MET A 278 -0.04 13.29 -9.36
N PHE A 279 0.05 14.46 -8.70
CA PHE A 279 -0.19 15.74 -9.36
C PHE A 279 0.77 15.89 -10.54
N ASN A 280 0.20 16.30 -11.69
CA ASN A 280 0.87 16.31 -12.99
C ASN A 280 1.58 17.66 -13.19
N PHE A 281 2.75 17.77 -12.55
CA PHE A 281 3.42 19.05 -12.28
C PHE A 281 4.00 19.68 -13.55
N ASP A 282 4.36 18.87 -14.55
CA ASP A 282 5.02 19.42 -15.73
C ASP A 282 4.01 20.23 -16.58
N PHE A 283 2.71 20.11 -16.26
CA PHE A 283 1.65 20.85 -16.88
C PHE A 283 1.35 22.14 -16.09
N SER A 284 2.03 22.34 -14.95
CA SER A 284 1.77 23.45 -14.05
C SER A 284 2.74 24.61 -14.29
N GLN A 285 2.35 25.79 -13.77
CA GLN A 285 3.17 26.98 -13.72
C GLN A 285 3.25 27.62 -15.11
N GLN A 286 3.85 28.81 -15.16
CA GLN A 286 3.95 29.62 -16.36
C GLN A 286 4.80 28.87 -17.39
N ASP A 287 5.84 28.19 -16.91
CA ASP A 287 6.82 27.55 -17.77
C ASP A 287 6.50 26.04 -17.92
N GLY A 288 5.32 25.61 -17.49
CA GLY A 288 4.79 24.28 -17.77
C GLY A 288 4.23 24.20 -19.18
N TYR A 289 3.80 23.00 -19.57
CA TYR A 289 3.38 22.74 -20.95
C TYR A 289 2.22 23.68 -21.35
N ILE A 290 1.23 23.87 -20.49
CA ILE A 290 0.08 24.69 -20.86
C ILE A 290 0.56 26.14 -21.10
N GLY A 291 1.24 26.70 -20.09
CA GLY A 291 1.79 28.06 -20.12
C GLY A 291 2.65 28.32 -21.33
N LYS A 292 3.60 27.41 -21.61
CA LYS A 292 4.52 27.56 -22.75
C LYS A 292 3.76 27.59 -24.08
N VAL A 293 2.74 26.75 -24.22
CA VAL A 293 1.97 26.66 -25.46
C VAL A 293 1.21 27.97 -25.69
N LEU A 294 0.52 28.46 -24.65
CA LEU A 294 -0.32 29.64 -24.81
C LEU A 294 0.55 30.90 -25.05
N ASN A 295 1.76 30.95 -24.48
CA ASN A 295 2.67 32.11 -24.62
C ASN A 295 3.67 31.93 -25.77
N GLY A 296 3.52 30.85 -26.57
CA GLY A 296 4.29 30.67 -27.82
C GLY A 296 5.73 30.28 -27.55
N ALA A 297 6.00 29.65 -26.41
CA ALA A 297 7.34 29.24 -26.02
C ALA A 297 7.56 27.75 -26.33
N ALA A 298 6.57 27.08 -26.92
CA ALA A 298 6.65 25.65 -27.19
C ALA A 298 7.28 25.42 -28.58
N ASN A 299 8.12 24.38 -28.67
CA ASN A 299 8.84 24.02 -29.89
C ASN A 299 7.88 23.69 -31.04
N HIS A 300 6.68 23.19 -30.73
CA HIS A 300 5.73 22.76 -31.76
C HIS A 300 4.32 23.30 -31.47
N GLY A 301 4.23 24.48 -30.85
CA GLY A 301 2.96 25.14 -30.63
C GLY A 301 1.97 24.22 -29.92
N ALA A 302 0.76 24.15 -30.46
CA ALA A 302 -0.35 23.34 -29.92
C ALA A 302 0.04 21.86 -29.80
N SER A 303 0.83 21.36 -30.76
CA SER A 303 1.20 19.95 -30.81
C SER A 303 2.13 19.56 -29.65
N THR A 304 2.81 20.54 -29.04
CA THR A 304 3.65 20.30 -27.86
C THR A 304 2.77 19.80 -26.70
N TYR A 305 1.55 20.34 -26.60
CA TYR A 305 0.60 19.93 -25.60
C TYR A 305 0.23 18.45 -25.83
N GLY A 306 -0.01 18.08 -27.08
CA GLY A 306 -0.25 16.67 -27.48
C GLY A 306 0.91 15.76 -27.11
N ASN A 307 2.12 16.12 -27.53
CA ASN A 307 3.32 15.34 -27.29
C ASN A 307 3.55 15.13 -25.79
N ALA A 308 3.32 16.19 -24.99
CA ALA A 308 3.55 16.15 -23.55
C ALA A 308 2.57 15.19 -22.87
N LEU A 309 1.28 15.24 -23.25
CA LEU A 309 0.27 14.32 -22.70
C LEU A 309 0.69 12.88 -22.95
N VAL A 310 1.14 12.59 -24.17
CA VAL A 310 1.52 11.27 -24.57
C VAL A 310 2.77 10.85 -23.79
N ASP A 311 3.78 11.72 -23.70
CA ASP A 311 5.05 11.35 -23.07
C ASP A 311 4.84 10.99 -21.58
N VAL A 312 3.98 11.76 -20.90
CA VAL A 312 3.73 11.60 -19.45
C VAL A 312 2.91 10.33 -19.22
N GLU A 313 1.84 10.14 -20.01
CA GLU A 313 1.04 8.90 -20.04
C GLU A 313 1.94 7.67 -20.27
N ASN A 314 2.84 7.74 -21.25
CA ASN A 314 3.75 6.64 -21.58
C ASN A 314 4.73 6.39 -20.41
N GLU A 315 5.14 7.43 -19.71
CA GLU A 315 6.06 7.29 -18.57
C GLU A 315 5.34 6.56 -17.41
N ILE A 316 4.13 6.99 -17.08
CA ILE A 316 3.38 6.41 -15.98
C ILE A 316 3.11 4.92 -16.26
N LYS A 317 2.86 4.60 -17.54
CA LYS A 317 2.56 3.24 -18.03
C LYS A 317 3.73 2.28 -17.76
N LYS A 318 4.95 2.81 -17.63
CA LYS A 318 6.10 2.00 -17.22
C LYS A 318 5.89 1.41 -15.82
N TYR A 319 5.00 2.01 -15.00
CA TYR A 319 4.86 1.64 -13.61
C TYR A 319 3.48 1.06 -13.28
N THR A 320 2.43 1.50 -13.98
CA THR A 320 1.05 1.11 -13.64
C THR A 320 0.14 1.26 -14.87
N ASP A 321 -0.85 0.36 -15.00
CA ASP A 321 -1.88 0.45 -16.05
C ASP A 321 -3.22 0.85 -15.41
N SER A 322 -3.14 1.26 -14.14
CA SER A 322 -4.26 1.34 -13.21
C SER A 322 -4.06 2.55 -12.29
N TYR A 323 -4.37 3.74 -12.81
CA TYR A 323 -4.12 5.01 -12.13
C TYR A 323 -5.09 6.09 -12.61
N ILE A 324 -5.10 7.20 -11.85
CA ILE A 324 -5.87 8.38 -12.16
C ILE A 324 -4.92 9.59 -12.14
N ASP A 325 -4.68 10.18 -13.31
CA ASP A 325 -3.85 11.38 -13.37
C ASP A 325 -4.52 12.50 -12.56
N ALA A 326 -3.71 13.39 -11.99
CA ALA A 326 -4.21 14.56 -11.26
C ALA A 326 -3.70 15.83 -11.95
N PRO A 327 -4.32 16.24 -13.08
CA PRO A 327 -4.07 17.55 -13.67
C PRO A 327 -4.61 18.66 -12.75
N PHE A 328 -3.83 19.72 -12.56
CA PHE A 328 -4.20 20.79 -11.64
C PHE A 328 -3.78 22.15 -12.19
N TYR A 329 -2.64 22.23 -12.87
CA TYR A 329 -2.16 23.44 -13.59
C TYR A 329 -1.69 24.54 -12.62
N THR A 330 -2.51 24.96 -11.65
CA THR A 330 -2.04 25.90 -10.60
C THR A 330 -2.58 25.48 -9.23
N ASN A 331 -1.92 25.96 -8.18
CA ASN A 331 -2.32 25.70 -6.79
C ASN A 331 -1.80 26.81 -5.87
N HIS A 332 -2.00 26.61 -4.57
CA HIS A 332 -1.70 27.59 -3.51
C HIS A 332 -0.20 27.89 -3.36
N ASP A 333 0.66 27.12 -4.03
CA ASP A 333 2.11 27.30 -3.98
C ASP A 333 2.64 28.06 -5.21
N MET A 334 1.79 28.36 -6.18
CA MET A 334 2.26 29.00 -7.42
C MET A 334 1.48 30.29 -7.71
N GLY A 335 2.11 31.16 -8.49
CA GLY A 335 1.46 32.29 -9.08
C GLY A 335 0.19 31.88 -9.80
N ARG A 336 -0.86 32.67 -9.62
CA ARG A 336 -2.16 32.42 -10.19
C ARG A 336 -2.05 32.55 -11.72
N SER A 337 -2.84 31.71 -12.41
CA SER A 337 -2.84 31.59 -13.89
C SER A 337 -2.97 32.96 -14.58
N ALA A 338 -3.85 33.82 -14.08
CA ALA A 338 -4.16 35.11 -14.72
C ALA A 338 -2.90 35.98 -14.87
N GLY A 339 -1.95 35.83 -13.94
CA GLY A 339 -0.69 36.55 -13.95
C GLY A 339 0.31 36.05 -15.00
N TYR A 340 0.03 34.89 -15.60
CA TYR A 340 0.92 34.31 -16.62
C TYR A 340 0.76 35.00 -17.98
N TYR A 341 -0.38 35.66 -18.20
CA TYR A 341 -0.75 36.16 -19.51
C TYR A 341 -0.99 37.67 -19.40
N ASN A 342 -0.23 38.44 -20.19
CA ASN A 342 -0.32 39.88 -20.17
C ASN A 342 -0.36 40.38 -21.61
N GLY A 343 -0.97 41.55 -21.79
CA GLY A 343 -1.10 42.15 -23.09
C GLY A 343 -2.23 41.54 -23.88
N ASP A 344 -2.02 41.45 -25.19
CA ASP A 344 -3.02 41.01 -26.15
C ASP A 344 -3.51 39.60 -25.81
N ASN A 345 -4.85 39.48 -25.82
CA ASN A 345 -5.71 38.35 -25.51
C ASN A 345 -5.20 37.55 -24.30
N ALA A 346 -4.88 38.27 -23.23
CA ALA A 346 -4.53 37.68 -21.94
C ALA A 346 -5.73 36.92 -21.37
N GLU A 347 -6.93 37.50 -21.53
CA GLU A 347 -8.15 36.89 -21.04
C GLU A 347 -8.44 35.59 -21.79
N GLU A 348 -8.28 35.61 -23.12
CA GLU A 348 -8.46 34.43 -23.97
C GLU A 348 -7.55 33.29 -23.48
N LYS A 349 -6.27 33.61 -23.25
CA LYS A 349 -5.29 32.66 -22.77
C LYS A 349 -5.66 32.13 -21.39
N THR A 350 -6.13 33.03 -20.51
CA THR A 350 -6.47 32.67 -19.12
C THR A 350 -7.59 31.62 -19.13
N LYS A 351 -8.55 31.79 -20.04
CA LYS A 351 -9.66 30.87 -20.19
C LYS A 351 -9.15 29.53 -20.73
N MET A 352 -8.41 29.58 -21.83
CA MET A 352 -8.01 28.38 -22.55
C MET A 352 -7.07 27.54 -21.67
N ALA A 353 -6.26 28.19 -20.83
CA ALA A 353 -5.38 27.46 -19.88
C ALA A 353 -6.23 26.48 -19.04
N GLN A 354 -7.42 26.91 -18.60
CA GLN A 354 -8.27 26.06 -17.77
C GLN A 354 -8.98 24.99 -18.60
N ALA A 355 -9.22 25.24 -19.90
CA ALA A 355 -9.73 24.22 -20.79
C ALA A 355 -8.68 23.12 -20.91
N MET A 356 -7.42 23.55 -21.03
CA MET A 356 -6.31 22.65 -21.23
C MET A 356 -5.99 21.89 -19.93
N ASN A 357 -6.33 22.47 -18.77
CA ASN A 357 -6.20 21.82 -17.48
C ASN A 357 -7.34 20.80 -17.30
N LEU A 358 -8.60 21.30 -17.37
CA LEU A 358 -9.74 20.55 -16.85
C LEU A 358 -10.24 19.48 -17.84
N LEU A 359 -9.86 19.58 -19.12
CA LEU A 359 -10.25 18.58 -20.13
C LEU A 359 -9.15 17.51 -20.33
N MET A 360 -8.20 17.45 -19.41
CA MET A 360 -7.18 16.41 -19.38
C MET A 360 -7.74 15.16 -18.71
N PRO A 361 -7.22 13.95 -19.03
CA PRO A 361 -7.66 12.72 -18.37
C PRO A 361 -7.48 12.75 -16.84
N GLY A 362 -8.29 11.96 -16.13
CA GLY A 362 -8.13 11.70 -14.70
C GLY A 362 -9.05 12.56 -13.85
N ASN A 363 -8.56 12.92 -12.67
CA ASN A 363 -9.26 13.68 -11.64
C ASN A 363 -8.70 15.11 -11.68
N ALA A 364 -9.50 16.05 -12.19
CA ALA A 364 -9.01 17.40 -12.49
C ALA A 364 -9.21 18.33 -11.28
N PHE A 365 -8.25 19.25 -11.09
CA PHE A 365 -8.25 20.14 -9.93
C PHE A 365 -8.30 21.60 -10.37
N LEU A 366 -9.11 22.39 -9.66
CA LEU A 366 -9.29 23.83 -9.85
C LEU A 366 -9.05 24.54 -8.53
N TYR A 367 -8.09 25.47 -8.51
CA TYR A 367 -7.72 26.21 -7.30
C TYR A 367 -8.69 27.39 -7.16
N TYR A 368 -9.27 27.54 -5.96
CA TYR A 368 -10.31 28.53 -5.72
C TYR A 368 -9.80 29.89 -6.22
N GLY A 369 -10.67 30.65 -6.89
CA GLY A 369 -10.33 31.96 -7.40
C GLY A 369 -9.84 31.94 -8.85
N GLU A 370 -9.32 30.80 -9.31
CA GLU A 370 -8.87 30.68 -10.69
C GLU A 370 -10.04 30.85 -11.66
N GLU A 371 -11.27 30.56 -11.20
CA GLU A 371 -12.48 30.59 -12.06
C GLU A 371 -12.90 32.04 -12.31
N ILE A 372 -12.31 33.00 -11.57
CA ILE A 372 -12.57 34.43 -11.80
C ILE A 372 -11.27 35.16 -12.14
N GLY A 373 -10.20 34.41 -12.42
CA GLY A 373 -8.92 34.97 -12.83
C GLY A 373 -8.33 35.89 -11.79
N MET A 374 -8.34 35.47 -10.53
CA MET A 374 -7.67 36.23 -9.48
C MET A 374 -6.16 36.24 -9.79
N ARG A 375 -5.52 37.37 -9.51
CA ARG A 375 -4.09 37.50 -9.65
C ARG A 375 -3.41 37.51 -8.27
N GLY A 376 -2.10 37.23 -8.28
CA GLY A 376 -1.28 37.24 -7.07
C GLY A 376 -0.15 36.23 -7.14
N THR A 377 1.09 36.70 -6.99
CA THR A 377 2.29 35.84 -7.14
C THR A 377 3.50 36.28 -6.28
N ALA A 378 3.55 37.53 -5.80
CA ALA A 378 4.77 38.14 -5.22
C ALA A 378 5.35 37.29 -4.08
N ASN A 379 4.50 36.67 -3.26
CA ASN A 379 4.92 35.71 -2.25
C ASN A 379 3.77 34.72 -2.01
N ASP A 380 3.98 33.74 -1.14
CA ASP A 380 3.02 32.66 -0.93
C ASP A 380 1.69 33.24 -0.43
N GLU A 381 1.75 34.13 0.56
CA GLU A 381 0.56 34.80 1.12
C GLU A 381 -0.29 35.40 -0.01
N THR A 382 0.37 36.00 -1.01
CA THR A 382 -0.26 36.77 -2.06
C THR A 382 -0.94 35.83 -3.08
N LYS A 383 -0.58 34.54 -3.04
CA LYS A 383 -1.20 33.53 -3.89
C LYS A 383 -2.52 33.02 -3.27
N ARG A 384 -2.79 33.44 -2.03
CA ARG A 384 -3.87 32.91 -1.19
C ARG A 384 -4.78 34.04 -0.69
N LEU A 385 -5.02 35.05 -1.52
CA LEU A 385 -5.84 36.18 -1.17
C LEU A 385 -7.31 35.76 -1.04
N ALA A 386 -8.10 36.65 -0.45
CA ALA A 386 -9.51 36.47 -0.20
C ALA A 386 -10.25 36.25 -1.53
N MET A 387 -11.07 35.20 -1.57
CA MET A 387 -12.02 35.00 -2.65
C MET A 387 -12.82 36.31 -2.88
N ARG A 388 -12.87 36.72 -4.16
CA ARG A 388 -13.45 38.00 -4.55
C ARG A 388 -14.93 37.81 -4.91
N TRP A 389 -15.76 37.55 -3.90
CA TRP A 389 -17.20 37.30 -4.03
C TRP A 389 -17.89 38.48 -4.71
N SER A 390 -17.53 39.70 -4.28
CA SER A 390 -18.29 40.90 -4.53
C SER A 390 -17.38 42.13 -4.42
N GLY A 391 -17.74 43.21 -5.13
CA GLY A 391 -17.05 44.50 -5.06
C GLY A 391 -17.44 45.31 -3.83
N ASP A 392 -18.67 45.11 -3.34
CA ASP A 392 -19.21 45.74 -2.10
C ASP A 392 -18.18 45.64 -0.97
N SER A 393 -17.92 46.79 -0.34
CA SER A 393 -17.03 46.93 0.82
C SER A 393 -17.37 45.87 1.89
N LYS A 394 -18.62 45.94 2.40
CA LYS A 394 -19.05 45.26 3.63
C LYS A 394 -20.00 44.11 3.33
N ALA A 395 -19.77 43.36 2.25
CA ALA A 395 -20.58 42.17 1.94
C ALA A 395 -20.35 41.12 3.04
N LYS A 396 -21.43 40.47 3.48
CA LYS A 396 -21.35 39.39 4.50
C LYS A 396 -20.39 38.31 4.02
N GLY A 397 -19.35 38.04 4.81
CA GLY A 397 -18.54 36.84 4.72
C GLY A 397 -17.24 37.03 3.95
N MET A 398 -17.01 38.25 3.45
CA MET A 398 -15.77 38.56 2.78
C MET A 398 -14.63 38.39 3.81
N CYS A 399 -13.53 37.80 3.35
CA CYS A 399 -12.36 37.51 4.16
C CYS A 399 -11.31 38.62 3.93
N VAL A 400 -10.48 38.88 4.94
CA VAL A 400 -9.41 39.90 4.86
C VAL A 400 -8.18 39.30 4.16
N GLY A 401 -8.01 37.98 4.30
CA GLY A 401 -6.89 37.28 3.67
C GLY A 401 -5.64 37.35 4.54
N PRO A 402 -4.54 36.68 4.13
CA PRO A 402 -3.27 36.73 4.88
C PRO A 402 -2.74 38.16 5.11
N GLN A 403 -2.18 38.37 6.30
CA GLN A 403 -1.79 39.71 6.76
C GLN A 403 -0.48 40.17 6.08
N ASN A 404 0.36 39.25 5.62
CA ASN A 404 1.69 39.62 5.06
C ASN A 404 1.68 39.52 3.53
N ALA A 405 0.51 39.65 2.90
CA ALA A 405 0.40 39.57 1.44
C ALA A 405 0.83 40.91 0.85
N GLU A 406 1.47 40.87 -0.34
CA GLU A 406 1.92 42.07 -1.03
C GLU A 406 0.73 42.70 -1.76
N GLU A 407 0.94 43.93 -2.24
CA GLU A 407 -0.02 44.65 -3.06
C GLU A 407 -0.17 43.91 -4.39
N THR A 408 -1.42 43.81 -4.89
CA THR A 408 -1.72 43.13 -6.15
C THR A 408 -2.87 43.81 -6.90
N GLU A 409 -2.57 44.24 -8.12
CA GLU A 409 -3.54 44.80 -9.02
C GLU A 409 -4.28 43.65 -9.72
N GLN A 410 -5.60 43.57 -9.49
CA GLN A 410 -6.46 42.60 -10.16
C GLN A 410 -6.75 43.14 -11.56
N THR A 411 -7.10 42.23 -12.50
CA THR A 411 -7.40 42.61 -13.89
C THR A 411 -8.78 42.12 -14.33
N TYR A 412 -9.46 41.32 -13.51
CA TYR A 412 -10.79 40.82 -13.85
C TYR A 412 -11.75 41.23 -12.73
N ASP A 413 -13.05 41.08 -13.00
CA ASP A 413 -14.11 41.56 -12.12
C ASP A 413 -14.36 40.53 -11.01
N THR A 414 -15.13 40.95 -9.99
CA THR A 414 -15.54 40.05 -8.91
C THR A 414 -16.58 39.05 -9.42
N LEU A 415 -16.81 37.99 -8.63
CA LEU A 415 -17.59 36.83 -9.05
C LEU A 415 -19.05 37.23 -9.38
N ASP A 416 -19.66 38.08 -8.55
CA ASP A 416 -21.06 38.43 -8.75
C ASP A 416 -21.23 39.02 -10.16
N LYS A 417 -20.26 39.84 -10.58
CA LYS A 417 -20.28 40.52 -11.86
C LYS A 417 -19.99 39.52 -12.99
N GLN A 418 -19.07 38.57 -12.77
CA GLN A 418 -18.69 37.60 -13.79
C GLN A 418 -19.86 36.65 -14.10
N MET A 419 -20.70 36.34 -13.10
CA MET A 419 -21.87 35.48 -13.29
C MET A 419 -22.83 36.09 -14.31
N GLU A 420 -22.92 37.43 -14.30
CA GLU A 420 -23.82 38.22 -15.13
C GLU A 420 -23.23 38.45 -16.53
N ASP A 421 -21.94 38.12 -16.72
CA ASP A 421 -21.22 38.33 -17.96
C ASP A 421 -21.07 36.98 -18.67
N PRO A 422 -21.78 36.79 -19.81
CA PRO A 422 -21.74 35.51 -20.52
C PRO A 422 -20.35 35.13 -21.06
N TYR A 423 -19.47 36.13 -21.23
CA TYR A 423 -18.10 35.93 -21.72
C TYR A 423 -17.05 36.13 -20.60
N SER A 424 -17.45 35.89 -19.34
CA SER A 424 -16.48 35.97 -18.21
C SER A 424 -15.68 34.66 -18.09
N ILE A 425 -14.56 34.74 -17.40
CA ILE A 425 -13.73 33.58 -17.12
C ILE A 425 -14.58 32.56 -16.36
N TYR A 426 -15.39 33.04 -15.41
CA TYR A 426 -16.24 32.16 -14.60
C TYR A 426 -17.19 31.35 -15.49
N ASN A 427 -17.86 32.01 -16.44
CA ASN A 427 -18.84 31.32 -17.28
C ASN A 427 -18.11 30.37 -18.25
N PHE A 428 -16.89 30.71 -18.66
CA PHE A 428 -16.08 29.84 -19.51
C PHE A 428 -15.70 28.55 -18.76
N VAL A 429 -15.21 28.70 -17.53
CA VAL A 429 -14.77 27.57 -16.71
C VAL A 429 -15.98 26.69 -16.41
N LYS A 430 -17.10 27.33 -16.09
CA LYS A 430 -18.34 26.66 -15.83
C LYS A 430 -18.76 25.82 -17.04
N GLN A 431 -18.60 26.40 -18.23
CA GLN A 431 -18.90 25.70 -19.48
C GLN A 431 -17.91 24.53 -19.67
N THR A 432 -16.62 24.78 -19.37
CA THR A 432 -15.62 23.75 -19.47
C THR A 432 -16.04 22.55 -18.61
N ILE A 433 -16.43 22.81 -17.36
CA ILE A 433 -16.68 21.72 -16.44
C ILE A 433 -17.94 20.97 -16.87
N SER A 434 -18.92 21.67 -17.47
CA SER A 434 -20.14 21.02 -17.95
C SER A 434 -19.83 19.99 -19.06
N ILE A 435 -18.90 20.33 -19.95
CA ILE A 435 -18.48 19.44 -21.05
C ILE A 435 -17.89 18.17 -20.43
N ARG A 436 -17.04 18.38 -19.42
CA ARG A 436 -16.38 17.29 -18.73
C ARG A 436 -17.46 16.41 -18.06
N ASN A 437 -18.45 17.02 -17.42
CA ASN A 437 -19.51 16.26 -16.72
C ASN A 437 -20.46 15.57 -17.72
N ALA A 438 -20.45 15.97 -18.99
CA ALA A 438 -21.35 15.40 -19.98
C ALA A 438 -20.71 14.18 -20.69
N PHE A 439 -19.38 14.09 -20.72
CA PHE A 439 -18.67 13.11 -21.55
C PHE A 439 -17.61 12.39 -20.71
N PRO A 440 -18.00 11.28 -20.04
CA PRO A 440 -17.11 10.55 -19.14
C PRO A 440 -15.79 10.05 -19.76
N GLU A 441 -15.78 9.92 -21.09
CA GLU A 441 -14.59 9.51 -21.83
C GLU A 441 -13.48 10.56 -21.76
N ILE A 442 -13.83 11.84 -21.55
CA ILE A 442 -12.80 12.86 -21.49
C ILE A 442 -11.85 12.55 -20.30
N ALA A 443 -12.42 12.23 -19.13
CA ALA A 443 -11.63 11.97 -17.94
C ALA A 443 -11.13 10.51 -17.91
N ARG A 444 -11.93 9.56 -18.44
CA ARG A 444 -11.68 8.13 -18.19
C ARG A 444 -11.18 7.39 -19.45
N GLY A 445 -11.24 8.01 -20.63
CA GLY A 445 -10.94 7.28 -21.87
C GLY A 445 -9.45 7.09 -22.05
N THR A 446 -9.05 6.12 -22.88
CA THR A 446 -7.67 6.10 -23.38
C THR A 446 -7.49 7.31 -24.29
N ASN A 447 -6.31 7.94 -24.20
CA ASN A 447 -5.97 9.16 -24.88
C ASN A 447 -5.08 8.83 -26.08
N THR A 448 -5.44 9.37 -27.25
CA THR A 448 -4.69 9.24 -28.50
C THR A 448 -4.50 10.65 -29.06
N PHE A 449 -3.25 11.08 -29.16
CA PHE A 449 -2.90 12.33 -29.79
C PHE A 449 -2.87 12.10 -31.31
N GLU A 450 -3.79 12.75 -32.04
CA GLU A 450 -3.89 12.55 -33.48
C GLU A 450 -2.86 13.46 -34.16
N LYS A 451 -1.60 13.04 -34.10
CA LYS A 451 -0.46 13.86 -34.41
C LYS A 451 -0.45 14.27 -35.89
N ASP A 452 -0.87 13.36 -36.78
CA ASP A 452 -0.87 13.61 -38.22
C ASP A 452 -1.84 14.74 -38.58
N LEU A 453 -2.87 15.00 -37.75
CA LEU A 453 -3.89 16.02 -38.05
C LEU A 453 -3.66 17.32 -37.28
N SER A 454 -2.68 17.31 -36.36
CA SER A 454 -2.35 18.43 -35.49
C SER A 454 -1.19 19.22 -36.08
N ASN A 455 -1.07 20.49 -35.69
CA ASN A 455 0.04 21.35 -36.14
C ASN A 455 0.36 22.33 -35.00
N ASP A 456 0.94 23.49 -35.33
CA ASP A 456 1.35 24.48 -34.35
C ASP A 456 0.13 25.24 -33.80
N ASN A 457 -1.00 25.19 -34.51
CA ASN A 457 -2.19 25.98 -34.18
C ASN A 457 -3.27 25.12 -33.51
N VAL A 458 -3.48 23.87 -33.97
CA VAL A 458 -4.52 23.00 -33.42
C VAL A 458 -3.92 21.68 -32.94
N CYS A 459 -4.56 21.18 -31.89
CA CYS A 459 -4.21 19.98 -31.20
C CYS A 459 -5.47 19.10 -31.10
N ILE A 460 -5.37 17.83 -31.56
CA ILE A 460 -6.52 16.91 -31.68
C ILE A 460 -6.25 15.62 -30.88
N PHE A 461 -7.23 15.22 -30.07
CA PHE A 461 -7.20 13.97 -29.32
C PHE A 461 -8.49 13.17 -29.53
N THR A 462 -8.37 11.85 -29.50
CA THR A 462 -9.54 11.00 -29.37
C THR A 462 -9.48 10.38 -27.97
N ARG A 463 -10.65 10.33 -27.33
CA ARG A 463 -10.84 9.76 -26.01
C ARG A 463 -11.85 8.62 -26.15
N GLU A 464 -11.45 7.40 -25.77
CA GLU A 464 -12.29 6.21 -25.93
C GLU A 464 -12.51 5.54 -24.57
N TYR A 465 -13.77 5.45 -24.14
CA TYR A 465 -14.14 4.78 -22.90
C TYR A 465 -15.36 3.90 -23.14
N ASN A 466 -15.18 2.58 -22.95
CA ASN A 466 -16.24 1.57 -23.01
C ASN A 466 -17.07 1.71 -24.30
N GLY A 467 -16.38 1.88 -25.44
CA GLY A 467 -17.03 1.91 -26.75
C GLY A 467 -17.62 3.26 -27.15
N GLU A 468 -17.47 4.28 -26.29
CA GLU A 468 -17.80 5.68 -26.64
C GLU A 468 -16.49 6.42 -26.96
N LYS A 469 -16.47 7.14 -28.09
CA LYS A 469 -15.33 7.95 -28.53
C LYS A 469 -15.75 9.41 -28.76
N ALA A 470 -14.93 10.33 -28.24
CA ALA A 470 -15.03 11.77 -28.48
C ALA A 470 -13.74 12.27 -29.11
N VAL A 471 -13.82 13.39 -29.83
CA VAL A 471 -12.67 14.07 -30.38
C VAL A 471 -12.61 15.45 -29.71
N LEU A 472 -11.45 15.78 -29.14
CA LEU A 472 -11.22 17.09 -28.60
C LEU A 472 -10.27 17.82 -29.54
N ILE A 473 -10.71 18.99 -30.01
CA ILE A 473 -9.92 19.88 -30.84
C ILE A 473 -9.70 21.19 -30.08
N PHE A 474 -8.45 21.48 -29.75
CA PHE A 474 -8.07 22.75 -29.12
C PHE A 474 -7.39 23.64 -30.16
N ASN A 475 -7.74 24.94 -30.13
CA ASN A 475 -7.00 25.97 -30.81
C ASN A 475 -6.45 26.95 -29.77
N PRO A 476 -5.23 26.72 -29.24
CA PRO A 476 -4.61 27.65 -28.29
C PRO A 476 -3.73 28.71 -28.96
N SER A 477 -4.02 29.02 -30.23
CA SER A 477 -3.25 29.99 -30.99
C SER A 477 -4.08 31.25 -31.15
N LYS A 478 -3.41 32.32 -31.61
CA LYS A 478 -4.05 33.59 -31.96
C LYS A 478 -4.62 33.53 -33.39
N ASP A 479 -4.46 32.39 -34.08
CA ASP A 479 -4.94 32.23 -35.45
C ASP A 479 -6.14 31.29 -35.53
N GLU A 480 -7.10 31.69 -36.37
CA GLU A 480 -8.15 30.81 -36.89
C GLU A 480 -7.46 29.62 -37.55
N ALA A 481 -8.05 28.43 -37.41
CA ALA A 481 -7.51 27.21 -38.01
C ALA A 481 -8.64 26.28 -38.44
N SER A 482 -8.42 25.59 -39.56
CA SER A 482 -9.30 24.58 -40.09
C SER A 482 -8.57 23.24 -40.10
N VAL A 483 -9.31 22.15 -39.86
CA VAL A 483 -8.76 20.81 -39.90
C VAL A 483 -9.81 19.85 -40.44
N ASP A 484 -9.38 19.00 -41.37
CA ASP A 484 -10.13 17.91 -41.92
C ASP A 484 -9.96 16.71 -40.98
N VAL A 485 -11.01 16.33 -40.27
CA VAL A 485 -10.94 15.21 -39.33
C VAL A 485 -11.75 14.02 -39.87
N SER A 486 -12.02 13.99 -41.19
CA SER A 486 -12.88 12.96 -41.77
C SER A 486 -12.22 11.58 -41.68
N SER A 487 -10.88 11.53 -41.65
CA SER A 487 -10.12 10.28 -41.50
C SER A 487 -10.42 9.59 -40.17
N LEU A 488 -10.91 10.34 -39.17
CA LEU A 488 -11.23 9.79 -37.86
C LEU A 488 -12.59 9.07 -37.90
N GLY A 489 -13.42 9.39 -38.89
CA GLY A 489 -14.71 8.73 -39.10
C GLY A 489 -15.84 9.74 -39.23
N VAL A 490 -17.06 9.29 -38.99
CA VAL A 490 -18.23 10.13 -39.06
C VAL A 490 -18.47 10.73 -37.67
N ASN A 491 -18.51 12.07 -37.59
CA ASN A 491 -18.58 12.78 -36.32
C ASN A 491 -19.78 13.74 -36.29
N ASP A 492 -20.25 13.99 -35.07
CA ASP A 492 -21.24 14.98 -34.75
C ASP A 492 -20.67 15.95 -33.72
N ALA A 493 -20.79 17.25 -33.98
CA ALA A 493 -20.32 18.26 -33.02
C ALA A 493 -21.38 18.40 -31.92
N VAL A 494 -20.93 18.28 -30.66
CA VAL A 494 -21.82 18.21 -29.51
C VAL A 494 -21.52 19.35 -28.53
N ALA A 495 -20.26 19.81 -28.41
CA ALA A 495 -19.93 20.88 -27.46
C ALA A 495 -18.82 21.78 -28.02
N MET A 496 -18.72 23.01 -27.49
CA MET A 496 -17.64 23.90 -27.81
C MET A 496 -17.37 24.85 -26.65
N LEU A 497 -16.20 25.48 -26.71
CA LEU A 497 -15.84 26.57 -25.85
C LEU A 497 -15.32 27.72 -26.73
N GLN A 498 -15.85 28.92 -26.47
CA GLN A 498 -15.43 30.12 -27.21
C GLN A 498 -14.96 31.14 -26.17
N THR A 499 -13.94 31.92 -26.54
CA THR A 499 -13.40 32.95 -25.69
C THR A 499 -13.90 34.33 -26.10
N THR A 500 -14.51 34.44 -27.29
CA THR A 500 -15.12 35.68 -27.79
C THR A 500 -16.41 35.28 -28.51
N ALA A 501 -17.06 36.23 -29.21
CA ALA A 501 -18.27 35.96 -29.98
C ALA A 501 -17.99 34.97 -31.11
N ALA A 502 -16.73 34.90 -31.56
CA ALA A 502 -16.36 33.98 -32.65
C ALA A 502 -16.43 32.54 -32.13
N ALA A 503 -17.23 31.71 -32.80
CA ALA A 503 -17.53 30.35 -32.33
C ALA A 503 -16.98 29.32 -33.30
N PRO A 504 -16.44 28.20 -32.81
CA PRO A 504 -16.14 27.05 -33.66
C PRO A 504 -17.35 26.60 -34.49
N SER A 505 -17.08 26.10 -35.70
CA SER A 505 -18.06 25.48 -36.56
C SER A 505 -17.56 24.10 -37.04
N TYR A 506 -18.50 23.26 -37.47
CA TYR A 506 -18.17 21.93 -37.97
C TYR A 506 -19.14 21.55 -39.09
N LYS A 507 -18.61 21.15 -40.25
CA LYS A 507 -19.44 20.65 -41.35
C LYS A 507 -18.64 19.66 -42.21
N ASP A 508 -19.30 18.54 -42.54
CA ASP A 508 -18.80 17.51 -43.50
C ASP A 508 -17.32 17.19 -43.25
N GLY A 509 -16.98 16.95 -41.99
CA GLY A 509 -15.67 16.47 -41.60
C GLY A 509 -14.66 17.58 -41.40
N THR A 510 -15.05 18.85 -41.63
CA THR A 510 -14.14 19.99 -41.52
C THR A 510 -14.54 20.82 -40.30
N ALA A 511 -13.58 21.01 -39.39
CA ALA A 511 -13.72 21.83 -38.21
C ALA A 511 -13.03 23.18 -38.45
N LYS A 512 -13.71 24.28 -38.09
CA LYS A 512 -13.14 25.62 -38.13
C LYS A 512 -13.18 26.21 -36.72
N LEU A 513 -12.00 26.44 -36.15
CA LEU A 513 -11.89 26.99 -34.81
C LEU A 513 -11.27 28.39 -34.90
N PRO A 514 -11.97 29.43 -34.41
CA PRO A 514 -11.33 30.73 -34.21
C PRO A 514 -10.24 30.59 -33.15
N ALA A 515 -9.39 31.63 -33.07
CA ALA A 515 -8.40 31.81 -32.01
C ALA A 515 -9.02 31.45 -30.65
N TYR A 516 -8.30 30.64 -29.86
CA TYR A 516 -8.62 30.42 -28.45
C TYR A 516 -10.05 29.88 -28.31
N SER A 517 -10.24 28.63 -28.76
CA SER A 517 -11.52 27.98 -28.74
C SER A 517 -11.29 26.48 -28.69
N VAL A 518 -12.36 25.74 -28.36
CA VAL A 518 -12.34 24.29 -28.29
C VAL A 518 -13.61 23.76 -28.95
N LEU A 519 -13.48 22.60 -29.61
CA LEU A 519 -14.60 21.92 -30.24
C LEU A 519 -14.55 20.43 -29.84
N VAL A 520 -15.70 19.89 -29.44
CA VAL A 520 -15.85 18.49 -29.05
C VAL A 520 -16.80 17.79 -30.02
N LEU A 521 -16.37 16.64 -30.54
CA LEU A 521 -17.22 15.81 -31.41
C LEU A 521 -17.44 14.45 -30.74
N LYS A 522 -18.56 13.81 -31.07
CA LYS A 522 -18.78 12.38 -30.84
C LYS A 522 -18.58 11.63 -32.15
N GLU A 523 -17.85 10.52 -32.11
CA GLU A 523 -17.71 9.62 -33.26
C GLU A 523 -18.91 8.67 -33.24
N ASN A 524 -19.44 8.36 -34.43
CA ASN A 524 -20.48 7.33 -34.60
C ASN A 524 -19.86 6.09 -35.25
N LEU A 525 -19.85 4.98 -34.50
CA LEU A 525 -19.19 3.73 -34.92
C LEU A 525 -20.24 2.62 -35.08
N TYR A 526 -20.31 2.06 -36.29
CA TYR A 526 -21.30 1.03 -36.66
C TYR A 526 -20.59 -0.25 -37.11
N TYR B 13 -26.27 -30.64 6.23
CA TYR B 13 -25.11 -29.95 5.58
C TYR B 13 -25.24 -30.04 4.05
N LYS B 14 -25.58 -28.91 3.41
CA LYS B 14 -25.66 -28.79 1.93
C LYS B 14 -24.30 -28.37 1.36
N PRO B 15 -23.57 -29.27 0.66
CA PRO B 15 -22.29 -28.89 0.07
C PRO B 15 -22.45 -27.88 -1.07
N SER B 16 -21.52 -26.92 -1.13
CA SER B 16 -21.42 -25.93 -2.19
C SER B 16 -21.08 -26.60 -3.52
N ALA B 17 -21.33 -25.88 -4.62
CA ALA B 17 -20.94 -26.29 -5.95
C ALA B 17 -19.43 -26.63 -5.99
N MET B 18 -18.59 -25.80 -5.36
CA MET B 18 -17.15 -26.03 -5.44
C MET B 18 -16.79 -27.38 -4.79
N GLU B 19 -17.43 -27.69 -3.65
CA GLU B 19 -17.18 -28.93 -2.94
C GLU B 19 -17.60 -30.13 -3.79
N GLN B 20 -18.71 -30.00 -4.53
CA GLN B 20 -19.20 -31.09 -5.36
C GLN B 20 -18.24 -31.33 -6.53
N MET B 21 -17.69 -30.23 -7.07
CA MET B 21 -16.86 -30.25 -8.26
C MET B 21 -15.46 -30.76 -7.88
N ASN B 22 -14.94 -30.29 -6.75
CA ASN B 22 -13.59 -30.56 -6.31
C ASN B 22 -13.43 -32.04 -5.92
N ALA B 23 -14.50 -32.64 -5.40
CA ALA B 23 -14.46 -33.98 -4.79
C ALA B 23 -14.29 -35.10 -5.85
N LYS B 24 -14.61 -34.81 -7.12
CA LYS B 24 -14.50 -35.83 -8.19
C LYS B 24 -13.05 -35.93 -8.72
N ASN B 25 -12.12 -35.21 -8.08
CA ASN B 25 -10.67 -35.27 -8.37
C ASN B 25 -9.96 -36.08 -7.27
N ASP B 26 -9.37 -37.21 -7.67
CA ASP B 26 -8.66 -38.08 -6.73
C ASP B 26 -7.50 -37.33 -6.08
N PRO B 27 -7.29 -37.51 -4.76
CA PRO B 27 -6.09 -37.00 -4.10
C PRO B 27 -4.84 -37.66 -4.68
N ASN B 28 -3.77 -36.87 -4.76
CA ASN B 28 -2.53 -37.29 -5.35
C ASN B 28 -1.39 -36.68 -4.54
N VAL B 29 -1.25 -37.14 -3.29
CA VAL B 29 -0.30 -36.58 -2.35
C VAL B 29 1.04 -37.31 -2.54
N ILE B 30 2.07 -36.57 -2.92
CA ILE B 30 3.40 -37.17 -3.11
C ILE B 30 4.23 -36.93 -1.83
N GLN B 31 4.88 -37.98 -1.34
CA GLN B 31 5.71 -37.94 -0.13
C GLN B 31 7.10 -37.42 -0.50
N ASP B 32 7.20 -36.10 -0.67
CA ASP B 32 8.44 -35.40 -0.91
C ASP B 32 8.42 -34.13 -0.04
N ASN B 33 9.28 -33.15 -0.33
CA ASN B 33 9.38 -31.96 0.52
C ASN B 33 8.50 -30.81 0.01
N TYR B 34 7.66 -31.05 -1.00
CA TYR B 34 6.55 -30.16 -1.36
C TYR B 34 5.30 -30.62 -0.61
N ARG B 35 4.93 -29.86 0.42
CA ARG B 35 3.91 -30.26 1.38
C ARG B 35 3.04 -29.03 1.69
N THR B 36 2.02 -29.23 2.52
CA THR B 36 1.21 -28.15 3.04
C THR B 36 1.41 -28.16 4.55
N CYS B 37 2.01 -27.08 5.06
CA CYS B 37 2.50 -27.03 6.43
C CYS B 37 1.61 -26.15 7.31
N TYR B 38 1.18 -26.71 8.44
CA TYR B 38 0.46 -26.01 9.49
C TYR B 38 1.49 -25.51 10.52
N GLU B 39 1.58 -24.19 10.69
CA GLU B 39 2.43 -23.59 11.70
C GLU B 39 1.63 -23.44 12.99
N VAL B 40 2.11 -24.07 14.07
CA VAL B 40 1.35 -24.10 15.33
C VAL B 40 2.21 -23.52 16.46
N PHE B 41 1.57 -22.62 17.21
CA PHE B 41 2.03 -22.16 18.50
C PHE B 41 1.44 -23.09 19.57
N VAL B 42 2.28 -24.01 20.06
CA VAL B 42 1.84 -25.06 20.97
C VAL B 42 1.13 -24.43 22.19
N TYR B 43 1.68 -23.32 22.68
CA TYR B 43 1.18 -22.56 23.82
C TYR B 43 -0.33 -22.25 23.70
N SER B 44 -0.77 -21.92 22.48
CA SER B 44 -2.12 -21.39 22.26
C SER B 44 -3.06 -22.39 21.54
N PHE B 45 -2.57 -23.59 21.23
CA PHE B 45 -3.31 -24.51 20.37
C PHE B 45 -4.28 -25.35 21.21
N PHE B 46 -3.80 -26.40 21.90
CA PHE B 46 -4.72 -27.29 22.61
C PHE B 46 -4.07 -27.84 23.89
N ASP B 47 -4.81 -27.74 24.98
CA ASP B 47 -4.36 -28.06 26.35
C ASP B 47 -4.89 -29.45 26.73
N SER B 48 -4.00 -30.37 27.12
CA SER B 48 -4.37 -31.76 27.40
C SER B 48 -4.56 -32.04 28.90
N ASP B 49 -4.03 -31.18 29.79
CA ASP B 49 -4.02 -31.47 31.22
C ASP B 49 -4.78 -30.40 32.02
N GLY B 50 -5.25 -29.34 31.38
CA GLY B 50 -6.19 -28.39 32.01
C GLY B 50 -5.53 -27.33 32.87
N ASP B 51 -4.35 -26.83 32.45
CA ASP B 51 -3.70 -25.71 33.16
C ASP B 51 -3.84 -24.42 32.32
N GLY B 52 -4.52 -24.52 31.18
CA GLY B 52 -4.79 -23.38 30.30
C GLY B 52 -3.72 -23.19 29.24
N ILE B 53 -2.57 -23.86 29.38
CA ILE B 53 -1.48 -23.76 28.40
C ILE B 53 -1.51 -24.99 27.48
N GLY B 54 -1.39 -24.75 26.18
CA GLY B 54 -1.34 -25.80 25.20
C GLY B 54 -0.01 -26.52 25.28
N ASP B 55 -0.01 -27.79 24.87
CA ASP B 55 1.11 -28.68 25.11
C ASP B 55 1.19 -29.73 24.00
N LEU B 56 2.28 -30.51 24.01
CA LEU B 56 2.63 -31.45 22.92
C LEU B 56 1.59 -32.57 22.82
N LYS B 57 1.15 -33.09 23.98
CA LYS B 57 0.15 -34.16 24.02
C LYS B 57 -1.17 -33.64 23.41
N GLY B 58 -1.50 -32.38 23.70
CA GLY B 58 -2.70 -31.75 23.18
C GLY B 58 -2.66 -31.57 21.66
N LEU B 59 -1.46 -31.26 21.13
CA LEU B 59 -1.27 -31.15 19.69
C LEU B 59 -1.49 -32.53 19.07
N THR B 60 -1.05 -33.57 19.78
CA THR B 60 -1.15 -34.95 19.32
C THR B 60 -2.63 -35.35 19.23
N GLU B 61 -3.44 -34.85 20.16
CA GLU B 61 -4.88 -35.15 20.21
C GLU B 61 -5.63 -34.47 19.06
N LYS B 62 -4.98 -33.51 18.37
CA LYS B 62 -5.59 -32.69 17.34
C LYS B 62 -4.98 -32.96 15.96
N LEU B 63 -4.18 -34.03 15.84
CA LEU B 63 -3.61 -34.43 14.54
C LEU B 63 -4.70 -34.80 13.53
N ASP B 64 -5.80 -35.43 13.98
CA ASP B 64 -6.94 -35.75 13.10
C ASP B 64 -7.52 -34.47 12.48
N TYR B 65 -7.58 -33.39 13.26
CA TYR B 65 -8.07 -32.13 12.74
C TYR B 65 -7.11 -31.59 11.65
N ILE B 66 -5.81 -31.60 11.93
CA ILE B 66 -4.80 -31.05 10.99
C ILE B 66 -4.74 -31.89 9.71
N GLU B 67 -4.79 -33.23 9.87
CA GLU B 67 -4.90 -34.18 8.75
C GLU B 67 -6.20 -33.89 7.96
N GLY B 68 -7.31 -33.69 8.68
CA GLY B 68 -8.64 -33.45 8.10
C GLY B 68 -8.71 -32.17 7.27
N LEU B 69 -7.91 -31.18 7.65
CA LEU B 69 -7.84 -29.92 6.94
C LEU B 69 -7.07 -30.11 5.63
N GLY B 70 -6.10 -31.03 5.62
CA GLY B 70 -5.36 -31.41 4.40
C GLY B 70 -3.85 -31.25 4.52
N CYS B 71 -3.37 -30.78 5.67
CA CYS B 71 -1.96 -30.53 5.88
C CYS B 71 -1.22 -31.85 6.13
N ASN B 72 -0.02 -31.98 5.56
CA ASN B 72 0.81 -33.16 5.75
C ASN B 72 2.21 -32.75 6.25
N GLU B 73 2.28 -31.56 6.86
CA GLU B 73 3.44 -31.09 7.58
C GLU B 73 3.00 -30.19 8.73
N ILE B 74 3.78 -30.17 9.81
CA ILE B 74 3.58 -29.29 10.95
C ILE B 74 4.93 -28.63 11.28
N TRP B 75 4.91 -27.31 11.41
CA TRP B 75 6.01 -26.55 11.97
C TRP B 75 5.56 -25.95 13.31
N MET B 76 6.24 -26.36 14.38
CA MET B 76 5.97 -25.83 15.71
C MET B 76 6.91 -24.67 15.98
N MET B 77 6.36 -23.60 16.58
CA MET B 77 7.18 -22.56 17.19
C MET B 77 8.00 -23.19 18.32
N PRO B 78 9.11 -22.55 18.76
CA PRO B 78 10.11 -23.21 19.60
C PRO B 78 9.52 -23.96 20.81
N ILE B 79 10.04 -25.16 21.07
CA ILE B 79 9.49 -26.08 22.05
C ILE B 79 10.50 -26.40 23.17
N MET B 80 11.65 -25.71 23.13
CA MET B 80 12.73 -25.94 24.09
C MET B 80 12.58 -25.02 25.29
N PRO B 81 13.22 -25.35 26.44
CA PRO B 81 13.15 -24.51 27.64
C PRO B 81 13.54 -23.05 27.38
N SER B 82 12.70 -22.16 27.90
CA SER B 82 12.78 -20.74 27.69
C SER B 82 12.02 -20.02 28.79
N PRO B 83 12.53 -18.89 29.31
CA PRO B 83 11.80 -18.11 30.31
C PRO B 83 10.57 -17.38 29.72
N SER B 84 10.48 -17.26 28.38
CA SER B 84 9.39 -16.54 27.74
C SER B 84 8.27 -17.51 27.36
N TYR B 85 7.07 -16.94 27.13
CA TYR B 85 5.89 -17.66 26.61
C TYR B 85 6.07 -18.05 25.13
N HIS B 86 6.83 -17.26 24.36
CA HIS B 86 7.01 -17.48 22.90
C HIS B 86 8.13 -18.49 22.63
N LYS B 87 9.19 -18.39 23.44
CA LYS B 87 10.23 -19.41 23.65
C LYS B 87 11.33 -19.33 22.57
N TYR B 88 11.50 -18.17 21.92
CA TYR B 88 12.61 -17.94 20.99
C TYR B 88 13.94 -17.65 21.73
N ASP B 89 13.89 -17.32 23.02
CA ASP B 89 15.09 -17.19 23.84
C ASP B 89 15.33 -18.49 24.65
N ILE B 90 16.29 -19.30 24.19
CA ILE B 90 16.44 -20.70 24.60
C ILE B 90 17.58 -20.84 25.63
N THR B 91 17.32 -21.67 26.65
CA THR B 91 18.27 -21.97 27.75
C THR B 91 18.80 -23.40 27.68
N ASP B 92 18.23 -24.25 26.82
CA ASP B 92 18.58 -25.68 26.71
C ASP B 92 18.10 -26.20 25.34
N TYR B 93 19.05 -26.58 24.49
CA TYR B 93 18.78 -26.97 23.10
C TYR B 93 18.45 -28.47 22.98
N MET B 94 18.40 -29.21 24.09
CA MET B 94 18.24 -30.66 24.02
C MET B 94 17.20 -31.15 25.03
N ASN B 95 16.06 -30.46 25.11
CA ASN B 95 14.93 -30.90 25.91
C ASN B 95 13.66 -30.14 25.49
N ILE B 96 12.58 -30.34 26.26
CA ILE B 96 11.29 -29.72 26.05
C ILE B 96 10.99 -28.79 27.22
N ASP B 97 10.49 -27.59 26.93
CA ASP B 97 9.98 -26.70 27.95
C ASP B 97 8.89 -27.43 28.75
N LYS B 98 8.93 -27.24 30.08
CA LYS B 98 8.07 -27.92 31.06
C LYS B 98 6.60 -27.66 30.74
N GLN B 99 6.28 -26.43 30.30
CA GLN B 99 4.89 -26.05 30.00
C GLN B 99 4.32 -26.94 28.89
N TYR B 100 5.20 -27.50 28.05
CA TYR B 100 4.80 -28.23 26.84
C TYR B 100 4.80 -29.75 27.05
N GLY B 101 5.48 -30.23 28.11
CA GLY B 101 5.60 -31.66 28.41
C GLY B 101 7.07 -32.10 28.45
N THR B 102 7.32 -33.33 27.95
CA THR B 102 8.59 -34.05 28.07
C THR B 102 9.04 -34.56 26.71
N LEU B 103 10.30 -35.01 26.65
CA LEU B 103 10.83 -35.64 25.43
C LEU B 103 10.00 -36.88 25.07
N ASP B 104 9.41 -37.54 26.08
CA ASP B 104 8.49 -38.68 25.87
C ASP B 104 7.26 -38.25 25.06
N ASP B 105 6.65 -37.13 25.47
CA ASP B 105 5.50 -36.56 24.77
C ASP B 105 5.90 -36.20 23.33
N PHE B 106 7.11 -35.65 23.16
CA PHE B 106 7.62 -35.24 21.85
C PHE B 106 7.76 -36.47 20.94
N ASP B 107 8.29 -37.57 21.50
CA ASP B 107 8.50 -38.82 20.75
C ASP B 107 7.15 -39.41 20.33
N ALA B 108 6.13 -39.33 21.22
CA ALA B 108 4.80 -39.82 20.90
C ALA B 108 4.19 -38.99 19.77
N LEU B 109 4.42 -37.67 19.79
CA LEU B 109 3.96 -36.78 18.73
C LEU B 109 4.59 -37.17 17.37
N ILE B 110 5.88 -37.49 17.36
CA ILE B 110 6.60 -37.83 16.11
C ILE B 110 6.02 -39.12 15.53
N THR B 111 5.79 -40.10 16.41
CA THR B 111 5.23 -41.40 16.08
C THR B 111 3.85 -41.22 15.41
N GLU B 112 2.97 -40.46 16.05
CA GLU B 112 1.61 -40.24 15.58
C GLU B 112 1.62 -39.43 14.29
N CYS B 113 2.51 -38.45 14.17
CA CYS B 113 2.63 -37.68 12.94
C CYS B 113 3.01 -38.61 11.79
N HIS B 114 4.07 -39.41 11.97
CA HIS B 114 4.58 -40.25 10.90
C HIS B 114 3.55 -41.32 10.51
N LYS B 115 2.74 -41.81 11.46
CA LYS B 115 1.67 -42.76 11.19
C LYS B 115 0.69 -42.19 10.15
N ARG B 116 0.53 -40.87 10.17
CA ARG B 116 -0.40 -40.16 9.30
C ARG B 116 0.30 -39.54 8.08
N ASN B 117 1.58 -39.87 7.87
CA ASN B 117 2.41 -39.28 6.80
C ASN B 117 2.47 -37.75 6.95
N ILE B 118 2.59 -37.28 8.21
CA ILE B 118 2.79 -35.88 8.52
C ILE B 118 4.24 -35.71 8.94
N ASN B 119 4.95 -34.79 8.26
CA ASN B 119 6.35 -34.47 8.55
C ASN B 119 6.38 -33.38 9.64
N VAL B 120 7.47 -33.37 10.42
CA VAL B 120 7.62 -32.47 11.57
C VAL B 120 8.88 -31.61 11.38
N ILE B 121 8.67 -30.29 11.39
CA ILE B 121 9.68 -29.27 11.32
C ILE B 121 9.75 -28.61 12.70
N ILE B 122 10.97 -28.50 13.25
CA ILE B 122 11.10 -27.77 14.50
C ILE B 122 11.82 -26.44 14.24
N ASP B 123 11.40 -25.43 15.02
CA ASP B 123 12.00 -24.10 14.99
C ASP B 123 13.40 -24.21 15.59
N PHE B 124 14.38 -23.73 14.82
CA PHE B 124 15.80 -23.90 15.08
C PHE B 124 16.43 -22.50 15.21
N VAL B 125 16.82 -22.12 16.42
CA VAL B 125 17.13 -20.74 16.74
C VAL B 125 18.57 -20.65 17.24
N ILE B 126 19.48 -20.27 16.35
CA ILE B 126 20.91 -20.30 16.66
C ILE B 126 21.58 -18.95 16.37
N ASN B 127 20.81 -17.93 15.97
CA ASN B 127 21.30 -16.55 15.85
C ASN B 127 21.61 -15.98 17.25
N HIS B 128 20.84 -16.41 18.27
CA HIS B 128 21.04 -15.98 19.68
C HIS B 128 20.57 -17.08 20.64
N THR B 129 20.93 -16.92 21.92
CA THR B 129 20.38 -17.74 23.02
C THR B 129 19.68 -16.81 24.01
N SER B 130 19.05 -17.40 25.02
CA SER B 130 18.72 -16.64 26.22
C SER B 130 19.99 -16.14 26.90
N ASN B 131 19.86 -15.03 27.64
CA ASN B 131 20.91 -14.55 28.55
C ASN B 131 20.98 -15.46 29.78
N GLU B 132 19.97 -16.34 29.93
CA GLU B 132 19.94 -17.33 31.01
C GLU B 132 20.53 -18.66 30.54
N HIS B 133 21.01 -18.73 29.28
CA HIS B 133 21.65 -19.94 28.78
C HIS B 133 23.00 -20.13 29.50
N PRO B 134 23.34 -21.38 29.92
CA PRO B 134 24.59 -21.65 30.63
C PRO B 134 25.87 -21.14 29.95
N TRP B 135 25.93 -21.21 28.61
CA TRP B 135 27.07 -20.66 27.85
C TRP B 135 27.25 -19.18 28.18
N PHE B 136 26.16 -18.40 28.08
CA PHE B 136 26.21 -16.96 28.29
C PHE B 136 26.49 -16.66 29.77
N LYS B 137 25.78 -17.36 30.67
CA LYS B 137 25.93 -17.14 32.11
C LYS B 137 27.38 -17.43 32.55
N ALA B 138 28.02 -18.42 31.93
CA ALA B 138 29.43 -18.76 32.22
C ALA B 138 30.36 -17.68 31.65
N ALA B 139 30.05 -17.21 30.43
CA ALA B 139 30.84 -16.18 29.79
C ALA B 139 30.81 -14.91 30.64
N ALA B 140 29.59 -14.47 30.99
CA ALA B 140 29.36 -13.34 31.90
C ALA B 140 30.16 -13.48 33.21
N ASP B 141 29.99 -14.58 33.95
CA ASP B 141 30.71 -14.78 35.23
C ASP B 141 32.23 -14.69 35.02
N TYR B 142 32.72 -15.22 33.90
CA TYR B 142 34.15 -15.25 33.61
C TYR B 142 34.64 -13.82 33.32
N ILE B 143 33.90 -13.09 32.49
CA ILE B 143 34.24 -11.73 32.14
C ILE B 143 34.40 -10.89 33.41
N LYS B 144 33.45 -11.03 34.34
CA LYS B 144 33.40 -10.22 35.55
C LYS B 144 34.56 -10.57 36.51
N SER B 145 35.10 -11.80 36.41
CA SER B 145 36.05 -12.34 37.41
C SER B 145 37.50 -11.94 37.12
N LEU B 146 37.76 -11.26 36.00
CA LEU B 146 39.12 -10.93 35.57
C LEU B 146 39.79 -9.98 36.58
N GLU B 151 42.58 -9.17 29.94
CA GLU B 151 41.93 -9.61 28.70
C GLU B 151 41.41 -11.02 28.85
N PRO B 152 40.23 -11.35 28.27
CA PRO B 152 39.68 -12.71 28.34
C PRO B 152 40.49 -13.74 27.53
N ASP B 153 40.57 -14.96 28.07
CA ASP B 153 41.34 -16.08 27.50
C ASP B 153 40.36 -17.22 27.19
N SER B 154 40.26 -17.58 25.89
CA SER B 154 39.37 -18.65 25.42
C SER B 154 39.76 -20.00 26.01
N SER B 155 41.03 -20.11 26.42
CA SER B 155 41.58 -21.35 26.97
C SER B 155 40.99 -21.62 28.37
N GLU B 156 40.88 -20.57 29.21
CA GLU B 156 40.28 -20.67 30.55
C GLU B 156 38.75 -20.76 30.46
N CYS B 157 38.16 -20.02 29.51
CA CYS B 157 36.71 -19.97 29.34
C CYS B 157 36.37 -19.92 27.85
N PRO B 158 36.10 -21.07 27.20
CA PRO B 158 35.73 -21.09 25.80
C PRO B 158 34.55 -20.16 25.45
N TYR B 159 33.69 -19.87 26.43
CA TYR B 159 32.35 -19.35 26.18
C TYR B 159 32.40 -17.86 25.78
N VAL B 160 33.50 -17.17 26.10
CA VAL B 160 33.68 -15.75 25.71
C VAL B 160 33.74 -15.60 24.18
N ASP B 161 34.07 -16.67 23.45
CA ASP B 161 34.09 -16.65 21.99
C ASP B 161 32.79 -17.23 21.41
N TYR B 162 31.90 -17.74 22.27
CA TYR B 162 30.57 -18.18 21.83
C TYR B 162 29.69 -16.96 21.51
N TYR B 163 30.00 -15.84 22.17
CA TYR B 163 29.32 -14.58 21.98
C TYR B 163 30.34 -13.52 21.60
N ASN B 164 29.87 -12.36 21.16
CA ASN B 164 30.73 -11.24 20.79
C ASN B 164 30.74 -10.23 21.93
N PHE B 165 31.82 -10.25 22.73
CA PHE B 165 32.04 -9.27 23.78
C PHE B 165 33.01 -8.20 23.28
N SER B 166 32.83 -6.97 23.77
CA SER B 166 33.67 -5.86 23.41
C SER B 166 33.67 -4.80 24.52
N LYS B 167 34.81 -4.13 24.66
CA LYS B 167 34.97 -2.96 25.51
C LYS B 167 34.54 -1.71 24.74
N THR B 168 34.37 -1.83 23.41
CA THR B 168 34.02 -0.71 22.54
C THR B 168 32.63 -0.19 22.91
N ASN B 169 31.61 -1.01 22.61
CA ASN B 169 30.20 -0.60 22.52
C ASN B 169 29.97 -0.03 21.12
N THR B 170 29.02 -0.64 20.40
CA THR B 170 28.71 -0.31 19.03
C THR B 170 27.22 -0.60 18.81
N GLY B 171 26.76 -0.55 17.56
CA GLY B 171 25.35 -0.71 17.23
C GLY B 171 24.92 -2.17 17.36
N GLY B 172 23.80 -2.38 18.07
CA GLY B 172 23.26 -3.72 18.31
C GLY B 172 23.78 -4.34 19.61
N TYR B 173 24.69 -3.64 20.30
CA TYR B 173 25.30 -4.14 21.53
C TYR B 173 24.48 -3.64 22.72
N ASN B 174 24.68 -4.27 23.88
CA ASN B 174 24.03 -3.92 25.14
C ASN B 174 25.04 -4.09 26.29
N GLN B 175 24.90 -3.23 27.30
CA GLN B 175 25.79 -3.22 28.42
C GLN B 175 25.58 -4.49 29.26
N LEU B 176 26.67 -5.19 29.57
CA LEU B 176 26.68 -6.25 30.56
C LEU B 176 26.64 -5.61 31.94
N PRO B 177 25.48 -5.55 32.63
CA PRO B 177 25.35 -4.77 33.86
C PRO B 177 26.38 -5.18 34.93
N GLY B 178 26.98 -4.18 35.59
CA GLY B 178 28.00 -4.38 36.63
C GLY B 178 29.42 -4.12 36.12
N THR B 179 29.64 -4.32 34.82
CA THR B 179 30.96 -4.17 34.17
C THR B 179 30.92 -3.01 33.18
N ASN B 180 32.08 -2.75 32.55
CA ASN B 180 32.20 -1.81 31.43
C ASN B 180 32.39 -2.62 30.14
N TRP B 181 31.75 -3.79 30.05
CA TRP B 181 31.77 -4.64 28.86
C TRP B 181 30.42 -4.57 28.15
N TYR B 182 30.44 -4.91 26.86
CA TYR B 182 29.25 -4.93 26.00
C TYR B 182 29.24 -6.25 25.21
N TYR B 183 28.04 -6.72 24.89
CA TYR B 183 27.86 -7.94 24.14
C TYR B 183 26.82 -7.68 23.06
N GLU B 184 26.96 -8.35 21.92
CA GLU B 184 26.06 -8.20 20.78
C GLU B 184 24.72 -8.85 21.14
N SER B 185 23.63 -8.12 20.87
CA SER B 185 22.27 -8.54 21.24
C SER B 185 21.23 -7.74 20.43
N GLN B 186 21.17 -8.03 19.14
CA GLN B 186 20.47 -7.22 18.12
C GLN B 186 18.97 -7.08 18.39
N PHE B 187 18.31 -8.15 18.85
CA PHE B 187 16.87 -8.14 19.05
C PHE B 187 16.54 -7.50 20.40
N VAL B 188 17.27 -7.86 21.47
CA VAL B 188 17.00 -7.39 22.86
C VAL B 188 18.14 -7.84 23.76
N ASP B 189 18.34 -7.15 24.90
CA ASP B 189 19.42 -7.46 25.86
C ASP B 189 19.31 -8.90 26.40
N SER B 190 18.07 -9.43 26.43
CA SER B 190 17.70 -10.81 26.84
C SER B 190 18.17 -11.89 25.86
N MET B 191 18.70 -11.49 24.70
CA MET B 191 18.98 -12.41 23.59
C MET B 191 20.37 -12.14 23.02
N PRO B 192 21.46 -12.52 23.73
CA PRO B 192 22.81 -12.38 23.21
C PRO B 192 23.06 -13.23 21.95
N ASP B 193 23.70 -12.62 20.95
CA ASP B 193 23.94 -13.24 19.65
C ASP B 193 25.08 -14.27 19.74
N LEU B 194 24.88 -15.42 19.07
CA LEU B 194 25.92 -16.46 18.97
C LEU B 194 26.90 -16.09 17.85
N ASN B 195 28.18 -16.33 18.13
CA ASN B 195 29.24 -16.21 17.18
C ASN B 195 29.32 -17.50 16.37
N LEU B 196 28.59 -17.52 15.25
CA LEU B 196 28.46 -18.69 14.39
C LEU B 196 29.74 -18.92 13.56
N GLN B 197 30.71 -18.01 13.61
CA GLN B 197 32.03 -18.22 13.01
C GLN B 197 32.93 -19.05 13.94
N SER B 198 32.50 -19.28 15.18
CA SER B 198 33.25 -20.08 16.16
C SER B 198 33.14 -21.59 15.83
N GLU B 199 34.30 -22.26 15.78
CA GLU B 199 34.35 -23.71 15.54
C GLU B 199 33.76 -24.48 16.74
N ALA B 200 33.89 -23.91 17.95
CA ALA B 200 33.35 -24.54 19.15
C ALA B 200 31.82 -24.46 19.13
N VAL B 201 31.28 -23.30 18.74
CA VAL B 201 29.84 -23.11 18.64
C VAL B 201 29.29 -24.06 17.58
N ARG B 202 30.00 -24.18 16.45
CA ARG B 202 29.58 -25.08 15.37
C ARG B 202 29.52 -26.52 15.89
N GLY B 203 30.49 -26.88 16.72
CA GLY B 203 30.54 -28.19 17.39
C GLY B 203 29.32 -28.43 18.27
N GLU B 204 28.85 -27.38 18.97
CA GLU B 204 27.68 -27.50 19.83
C GLU B 204 26.45 -27.77 18.96
N ILE B 205 26.30 -26.96 17.91
CA ILE B 205 25.17 -27.04 17.00
C ILE B 205 25.17 -28.41 16.29
N ASP B 206 26.34 -28.91 15.92
CA ASP B 206 26.46 -30.26 15.34
C ASP B 206 25.73 -31.26 16.25
N LYS B 207 25.99 -31.20 17.57
CA LYS B 207 25.39 -32.13 18.53
C LYS B 207 23.87 -31.91 18.62
N VAL B 208 23.43 -30.66 18.45
CA VAL B 208 22.01 -30.32 18.54
C VAL B 208 21.26 -30.88 17.33
N THR B 209 21.85 -30.80 16.14
CA THR B 209 21.18 -31.31 14.94
C THR B 209 21.10 -32.84 15.04
N SER B 210 22.18 -33.45 15.53
CA SER B 210 22.22 -34.89 15.73
C SER B 210 21.13 -35.32 16.72
N PHE B 211 20.99 -34.55 17.81
CA PHE B 211 20.02 -34.85 18.87
C PHE B 211 18.60 -34.96 18.29
N TRP B 212 18.19 -33.96 17.50
CA TRP B 212 16.82 -33.85 17.02
C TRP B 212 16.60 -34.74 15.79
N LEU B 213 17.59 -34.85 14.90
CA LEU B 213 17.50 -35.75 13.77
C LEU B 213 17.30 -37.18 14.27
N ASP B 214 18.01 -37.55 15.34
CA ASP B 214 17.96 -38.91 15.86
C ASP B 214 16.57 -39.21 16.47
N ARG B 215 15.78 -38.18 16.78
CA ARG B 215 14.40 -38.37 17.28
C ARG B 215 13.36 -38.29 16.16
N GLY B 216 13.80 -38.29 14.90
CA GLY B 216 12.93 -38.45 13.73
C GLY B 216 12.35 -37.14 13.20
N VAL B 217 12.97 -36.01 13.52
CA VAL B 217 12.56 -34.72 12.98
C VAL B 217 12.88 -34.71 11.48
N ASP B 218 12.01 -34.09 10.68
CA ASP B 218 12.05 -34.18 9.22
C ASP B 218 12.72 -32.94 8.61
N GLY B 219 12.87 -31.89 9.44
CA GLY B 219 13.46 -30.66 8.99
C GLY B 219 13.47 -29.59 10.06
N PHE B 220 13.96 -28.42 9.67
CA PHE B 220 14.19 -27.29 10.55
C PHE B 220 13.72 -26.00 9.86
N ARG B 221 13.05 -25.14 10.63
CA ARG B 221 12.85 -23.74 10.27
C ARG B 221 13.92 -22.91 10.96
N LEU B 222 14.76 -22.24 10.17
CA LEU B 222 15.90 -21.49 10.66
C LEU B 222 15.49 -20.05 10.94
N ALA B 223 15.37 -19.73 12.23
CA ALA B 223 15.02 -18.40 12.71
C ALA B 223 16.10 -17.37 12.32
N ALA B 224 15.65 -16.27 11.72
CA ALA B 224 16.39 -15.00 11.66
C ALA B 224 17.74 -15.14 10.96
N VAL B 225 17.79 -15.74 9.77
CA VAL B 225 19.08 -16.12 9.19
C VAL B 225 19.87 -14.88 8.77
N ILE B 226 19.20 -13.75 8.47
CA ILE B 226 19.91 -12.52 8.06
C ILE B 226 20.54 -11.82 9.27
N TYR B 227 20.32 -12.35 10.47
CA TYR B 227 20.89 -11.83 11.70
C TYR B 227 21.91 -12.82 12.28
N TYR B 228 22.37 -13.77 11.45
CA TYR B 228 23.46 -14.68 11.83
C TYR B 228 24.74 -13.86 12.03
N ASN B 229 24.83 -12.76 11.27
CA ASN B 229 25.85 -11.75 11.40
C ASN B 229 25.24 -10.43 10.95
N ASN B 230 24.88 -9.59 11.93
CA ASN B 230 24.32 -8.21 11.83
C ASN B 230 24.00 -7.82 10.38
N ASN B 231 25.00 -7.30 9.67
CA ASN B 231 24.86 -6.68 8.34
C ASN B 231 26.05 -7.13 7.48
N ASN B 232 26.36 -8.44 7.56
CA ASN B 232 27.49 -9.07 6.88
C ASN B 232 26.96 -10.30 6.12
N GLN B 233 26.62 -10.07 4.86
CA GLN B 233 25.95 -11.01 4.00
C GLN B 233 26.87 -12.21 3.71
N THR B 234 28.18 -11.98 3.56
CA THR B 234 29.12 -13.04 3.20
C THR B 234 29.22 -14.03 4.36
N GLU B 235 29.43 -13.52 5.57
CA GLU B 235 29.60 -14.37 6.76
C GLU B 235 28.28 -15.13 7.05
N THR B 236 27.16 -14.44 6.85
CA THR B 236 25.85 -15.02 7.12
C THR B 236 25.60 -16.23 6.20
N ILE B 237 26.01 -16.12 4.94
CA ILE B 237 25.80 -17.18 3.96
C ILE B 237 26.78 -18.34 4.20
N ASP B 238 28.02 -18.06 4.62
CA ASP B 238 28.97 -19.11 5.00
C ASP B 238 28.40 -19.91 6.18
N ASP B 239 27.82 -19.21 7.17
CA ASP B 239 27.20 -19.85 8.35
C ASP B 239 26.06 -20.78 7.89
N LEU B 240 25.21 -20.25 7.00
CA LEU B 240 24.06 -20.98 6.50
C LEU B 240 24.50 -22.20 5.68
N THR B 241 25.55 -22.01 4.87
CA THR B 241 26.11 -23.10 4.06
C THR B 241 26.62 -24.22 4.97
N TRP B 242 27.32 -23.82 6.04
CA TRP B 242 27.85 -24.76 7.00
C TRP B 242 26.71 -25.60 7.60
N LEU B 243 25.65 -24.91 8.06
CA LEU B 243 24.56 -25.56 8.78
C LEU B 243 23.77 -26.50 7.85
N VAL B 244 23.52 -26.03 6.62
CA VAL B 244 22.80 -26.82 5.61
C VAL B 244 23.58 -28.12 5.33
N ASN B 245 24.89 -27.97 5.06
CA ASN B 245 25.76 -29.11 4.83
C ASN B 245 25.75 -30.04 6.05
N ASN B 246 25.84 -29.45 7.25
CA ASN B 246 25.87 -30.22 8.49
C ASN B 246 24.65 -31.16 8.54
N VAL B 247 23.46 -30.59 8.32
CA VAL B 247 22.20 -31.31 8.44
C VAL B 247 22.06 -32.34 7.30
N LYS B 248 22.27 -31.91 6.06
CA LYS B 248 22.00 -32.77 4.89
C LYS B 248 23.01 -33.93 4.80
N SER B 249 24.22 -33.76 5.36
CA SER B 249 25.22 -34.83 5.38
C SER B 249 24.80 -35.93 6.36
N LYS B 250 23.87 -35.61 7.28
CA LYS B 250 23.31 -36.60 8.21
C LYS B 250 21.98 -37.16 7.67
N LYS B 251 21.20 -36.36 6.95
CA LYS B 251 19.92 -36.80 6.40
C LYS B 251 19.67 -36.01 5.12
N ALA B 252 19.88 -36.67 3.97
CA ALA B 252 19.95 -36.03 2.66
C ALA B 252 18.61 -35.36 2.28
N ASP B 253 17.47 -35.87 2.79
CA ASP B 253 16.14 -35.34 2.43
C ASP B 253 15.59 -34.43 3.55
N ALA B 254 16.43 -34.07 4.53
CA ALA B 254 16.00 -33.16 5.58
C ALA B 254 15.59 -31.84 4.93
N TYR B 255 14.43 -31.31 5.33
CA TYR B 255 13.91 -30.08 4.75
C TYR B 255 14.31 -28.88 5.60
N MET B 256 14.83 -27.83 4.96
CA MET B 256 15.24 -26.64 5.67
C MET B 256 14.64 -25.40 4.99
N VAL B 257 13.96 -24.58 5.79
CA VAL B 257 13.42 -23.30 5.33
C VAL B 257 14.00 -22.18 6.20
N GLY B 258 14.52 -21.14 5.56
CA GLY B 258 15.14 -20.01 6.24
C GLY B 258 14.21 -18.80 6.31
N GLU B 259 14.15 -18.19 7.50
CA GLU B 259 13.47 -16.93 7.71
C GLU B 259 14.45 -15.79 7.43
N GLY B 260 14.28 -15.18 6.26
CA GLY B 260 14.98 -13.97 5.86
C GLY B 260 14.02 -12.83 5.62
N TRP B 261 13.79 -12.04 6.68
CA TRP B 261 12.82 -10.95 6.69
C TRP B 261 13.42 -9.74 5.96
N THR B 262 13.27 -9.73 4.62
CA THR B 262 13.89 -8.74 3.74
C THR B 262 13.20 -8.83 2.38
N THR B 263 13.73 -8.10 1.38
CA THR B 263 13.15 -8.08 0.02
C THR B 263 13.68 -9.28 -0.77
N TYR B 264 12.98 -9.63 -1.86
CA TYR B 264 13.27 -10.85 -2.60
C TYR B 264 14.66 -10.76 -3.25
N ARG B 265 15.07 -9.57 -3.72
CA ARG B 265 16.41 -9.45 -4.29
C ARG B 265 17.46 -9.87 -3.26
N GLU B 266 17.15 -9.70 -1.96
CA GLU B 266 18.07 -10.02 -0.86
C GLU B 266 17.92 -11.48 -0.43
N TYR B 267 16.70 -11.95 -0.17
CA TYR B 267 16.55 -13.31 0.37
C TYR B 267 16.78 -14.37 -0.73
N ALA B 268 16.71 -13.99 -2.01
CA ALA B 268 17.07 -14.91 -3.11
C ALA B 268 18.53 -15.35 -2.99
N LYS B 269 19.40 -14.44 -2.55
CA LYS B 269 20.85 -14.72 -2.41
C LYS B 269 21.12 -15.88 -1.45
N TYR B 270 20.25 -16.10 -0.45
CA TYR B 270 20.52 -17.10 0.60
C TYR B 270 20.38 -18.53 0.04
N TYR B 271 19.80 -18.68 -1.16
CA TYR B 271 19.68 -19.99 -1.82
C TYR B 271 21.05 -20.52 -2.28
N LYS B 272 22.08 -19.66 -2.30
CA LYS B 272 23.49 -20.06 -2.55
C LYS B 272 24.00 -21.06 -1.50
N SER B 273 23.37 -21.09 -0.32
CA SER B 273 23.75 -21.98 0.78
C SER B 273 23.38 -23.45 0.47
N GLY B 274 22.46 -23.66 -0.48
CA GLY B 274 21.93 -24.98 -0.78
C GLY B 274 20.69 -25.30 0.04
N ILE B 275 20.21 -24.32 0.82
CA ILE B 275 18.97 -24.43 1.56
C ILE B 275 17.84 -24.67 0.56
N ASP B 276 16.83 -25.44 1.00
CA ASP B 276 15.73 -25.83 0.16
C ASP B 276 14.83 -24.62 -0.09
N SER B 277 14.51 -23.90 0.99
CA SER B 277 13.51 -22.84 0.97
C SER B 277 13.96 -21.61 1.76
N MET B 278 13.63 -20.42 1.23
CA MET B 278 13.51 -19.16 1.99
C MET B 278 12.03 -18.73 1.96
N PHE B 279 11.47 -18.39 3.13
CA PHE B 279 10.10 -17.86 3.17
C PHE B 279 9.99 -16.67 2.21
N ASN B 280 8.92 -16.64 1.41
CA ASN B 280 8.72 -15.67 0.31
C ASN B 280 8.05 -14.41 0.86
N PHE B 281 8.85 -13.60 1.56
CA PHE B 281 8.37 -12.51 2.43
C PHE B 281 7.57 -11.44 1.67
N ASP B 282 7.93 -11.15 0.42
CA ASP B 282 7.36 -10.01 -0.29
C ASP B 282 5.88 -10.24 -0.66
N PHE B 283 5.39 -11.48 -0.53
CA PHE B 283 3.97 -11.85 -0.67
C PHE B 283 3.21 -11.72 0.65
N SER B 284 3.94 -11.44 1.74
CA SER B 284 3.40 -11.47 3.10
C SER B 284 3.01 -10.06 3.59
N GLN B 285 2.27 -10.06 4.70
CA GLN B 285 1.86 -8.85 5.42
C GLN B 285 0.76 -8.15 4.62
N GLN B 286 0.24 -7.04 5.17
CA GLN B 286 -0.83 -6.25 4.58
C GLN B 286 -0.35 -5.58 3.28
N ASP B 287 0.95 -5.25 3.26
CA ASP B 287 1.62 -4.44 2.25
C ASP B 287 2.22 -5.30 1.14
N GLY B 288 2.20 -6.63 1.31
CA GLY B 288 2.77 -7.58 0.35
C GLY B 288 1.87 -7.75 -0.86
N TYR B 289 2.31 -8.60 -1.80
CA TYR B 289 1.72 -8.66 -3.12
C TYR B 289 0.25 -9.07 -3.03
N ILE B 290 -0.05 -10.00 -2.13
CA ILE B 290 -1.39 -10.58 -2.00
C ILE B 290 -2.34 -9.49 -1.48
N GLY B 291 -1.95 -8.89 -0.35
CA GLY B 291 -2.71 -7.84 0.31
C GLY B 291 -2.98 -6.66 -0.61
N LYS B 292 -1.94 -6.17 -1.28
CA LYS B 292 -2.05 -5.00 -2.21
C LYS B 292 -3.04 -5.28 -3.34
N VAL B 293 -3.01 -6.50 -3.87
CA VAL B 293 -3.89 -6.89 -4.95
C VAL B 293 -5.35 -6.83 -4.47
N LEU B 294 -5.65 -7.46 -3.34
CA LEU B 294 -7.02 -7.61 -2.85
C LEU B 294 -7.59 -6.25 -2.39
N ASN B 295 -6.74 -5.35 -1.90
CA ASN B 295 -7.15 -4.02 -1.43
C ASN B 295 -7.00 -2.95 -2.52
N GLY B 296 -6.72 -3.35 -3.76
CA GLY B 296 -6.73 -2.43 -4.93
C GLY B 296 -5.57 -1.44 -4.92
N ALA B 297 -4.42 -1.84 -4.39
CA ALA B 297 -3.23 -0.98 -4.35
C ALA B 297 -2.08 -1.59 -5.17
N ALA B 298 -2.42 -2.51 -6.08
CA ALA B 298 -1.46 -3.14 -6.95
C ALA B 298 -1.39 -2.34 -8.25
N ASN B 299 -0.17 -2.22 -8.80
CA ASN B 299 0.10 -1.39 -9.97
C ASN B 299 -0.57 -1.96 -11.22
N HIS B 300 -0.72 -3.29 -11.29
CA HIS B 300 -1.30 -4.00 -12.45
C HIS B 300 -2.47 -4.89 -12.00
N GLY B 301 -3.09 -4.52 -10.87
CA GLY B 301 -4.18 -5.27 -10.27
C GLY B 301 -3.81 -6.72 -10.09
N ALA B 302 -4.67 -7.62 -10.58
CA ALA B 302 -4.48 -9.07 -10.45
C ALA B 302 -3.12 -9.49 -11.05
N SER B 303 -2.73 -8.86 -12.16
CA SER B 303 -1.51 -9.22 -12.88
C SER B 303 -0.25 -8.89 -12.07
N THR B 304 -0.36 -8.07 -11.03
CA THR B 304 0.77 -7.79 -10.12
C THR B 304 1.20 -9.08 -9.42
N TYR B 305 0.22 -9.91 -9.04
CA TYR B 305 0.48 -11.21 -8.40
C TYR B 305 1.26 -12.11 -9.36
N GLY B 306 0.84 -12.12 -10.62
CA GLY B 306 1.54 -12.76 -11.72
C GLY B 306 2.97 -12.25 -11.90
N ASN B 307 3.12 -10.95 -12.10
CA ASN B 307 4.44 -10.31 -12.24
C ASN B 307 5.36 -10.65 -11.05
N ALA B 308 4.81 -10.63 -9.82
CA ALA B 308 5.61 -10.84 -8.61
C ALA B 308 6.17 -12.26 -8.61
N LEU B 309 5.33 -13.25 -8.89
CA LEU B 309 5.74 -14.67 -8.88
C LEU B 309 6.93 -14.91 -9.81
N VAL B 310 6.81 -14.43 -11.05
CA VAL B 310 7.81 -14.60 -12.09
C VAL B 310 9.13 -13.90 -11.69
N ASP B 311 9.03 -12.68 -11.15
CA ASP B 311 10.21 -11.94 -10.74
C ASP B 311 10.97 -12.66 -9.62
N VAL B 312 10.25 -13.20 -8.63
CA VAL B 312 10.92 -13.87 -7.51
C VAL B 312 11.55 -15.18 -8.00
N GLU B 313 10.79 -15.94 -8.81
CA GLU B 313 11.28 -17.19 -9.41
C GLU B 313 12.56 -16.94 -10.20
N ASN B 314 12.56 -15.87 -11.00
CA ASN B 314 13.70 -15.52 -11.85
C ASN B 314 14.91 -15.10 -11.01
N GLU B 315 14.63 -14.43 -9.88
CA GLU B 315 15.69 -13.96 -9.00
C GLU B 315 16.36 -15.15 -8.30
N ILE B 316 15.58 -16.10 -7.79
CA ILE B 316 16.11 -17.27 -7.10
C ILE B 316 17.00 -18.09 -8.05
N LYS B 317 16.60 -18.18 -9.33
CA LYS B 317 17.28 -19.01 -10.35
C LYS B 317 18.68 -18.45 -10.67
N LYS B 318 18.98 -17.22 -10.25
CA LYS B 318 20.31 -16.62 -10.36
C LYS B 318 21.29 -17.25 -9.37
N TYR B 319 20.78 -17.89 -8.31
CA TYR B 319 21.61 -18.34 -7.18
C TYR B 319 21.57 -19.86 -6.97
N THR B 320 20.65 -20.56 -7.63
CA THR B 320 20.49 -22.00 -7.41
C THR B 320 19.74 -22.61 -8.59
N ASP B 321 19.98 -23.91 -8.81
CA ASP B 321 19.40 -24.65 -9.94
C ASP B 321 18.25 -25.55 -9.44
N SER B 322 18.05 -25.58 -8.11
CA SER B 322 17.12 -26.49 -7.50
C SER B 322 16.70 -25.91 -6.15
N TYR B 323 15.40 -25.67 -6.00
CA TYR B 323 14.87 -25.09 -4.77
C TYR B 323 13.37 -25.39 -4.65
N ILE B 324 12.85 -25.07 -3.47
CA ILE B 324 11.45 -25.19 -3.14
C ILE B 324 11.04 -23.87 -2.48
N ASP B 325 10.09 -23.15 -3.10
CA ASP B 325 9.64 -21.89 -2.49
C ASP B 325 8.83 -22.20 -1.23
N ALA B 326 8.71 -21.20 -0.37
CA ALA B 326 7.98 -21.28 0.87
C ALA B 326 7.06 -20.07 0.98
N PRO B 327 5.93 -20.07 0.23
CA PRO B 327 4.88 -19.07 0.41
C PRO B 327 4.18 -19.29 1.76
N PHE B 328 3.88 -18.21 2.48
CA PHE B 328 3.31 -18.34 3.80
C PHE B 328 2.24 -17.27 4.05
N TYR B 329 2.47 -16.05 3.54
CA TYR B 329 1.50 -14.95 3.52
C TYR B 329 1.40 -14.30 4.90
N THR B 330 1.10 -15.09 5.95
CA THR B 330 1.05 -14.55 7.33
C THR B 330 1.63 -15.58 8.30
N ASN B 331 2.05 -15.10 9.48
CA ASN B 331 2.67 -15.94 10.51
C ASN B 331 2.57 -15.22 11.86
N HIS B 332 3.22 -15.78 12.88
CA HIS B 332 3.09 -15.35 14.28
C HIS B 332 3.71 -13.97 14.56
N ASP B 333 4.45 -13.40 13.59
CA ASP B 333 5.06 -12.06 13.73
C ASP B 333 4.21 -10.98 13.05
N MET B 334 3.15 -11.37 12.32
CA MET B 334 2.38 -10.37 11.57
C MET B 334 0.93 -10.36 12.04
N GLY B 335 0.26 -9.24 11.75
CA GLY B 335 -1.16 -9.14 11.94
C GLY B 335 -1.86 -10.23 11.16
N ARG B 336 -2.98 -10.73 11.70
CA ARG B 336 -3.69 -11.81 11.07
C ARG B 336 -4.36 -11.28 9.79
N SER B 337 -4.51 -12.17 8.82
CA SER B 337 -5.03 -11.86 7.50
C SER B 337 -6.42 -11.21 7.58
N ALA B 338 -7.27 -11.70 8.49
CA ALA B 338 -8.63 -11.21 8.58
C ALA B 338 -8.63 -9.71 8.90
N GLY B 339 -7.59 -9.25 9.60
CA GLY B 339 -7.40 -7.84 9.96
C GLY B 339 -7.04 -6.94 8.78
N TYR B 340 -6.58 -7.53 7.68
CA TYR B 340 -6.09 -6.75 6.51
C TYR B 340 -7.25 -6.20 5.67
N TYR B 341 -8.45 -6.78 5.79
CA TYR B 341 -9.60 -6.47 4.93
C TYR B 341 -10.78 -5.99 5.76
N ASN B 342 -11.47 -4.96 5.26
CA ASN B 342 -12.62 -4.32 5.92
C ASN B 342 -13.69 -3.95 4.89
N GLY B 343 -14.88 -3.60 5.39
CA GLY B 343 -16.01 -3.27 4.56
C GLY B 343 -16.62 -4.50 3.91
N ASP B 344 -17.45 -4.25 2.91
CA ASP B 344 -18.06 -5.31 2.11
C ASP B 344 -16.92 -6.00 1.33
N ASN B 345 -17.03 -7.33 1.22
CA ASN B 345 -16.09 -8.17 0.51
C ASN B 345 -14.90 -8.54 1.41
N ALA B 346 -14.96 -8.19 2.69
CA ALA B 346 -13.87 -8.47 3.63
C ALA B 346 -13.68 -9.99 3.78
N GLU B 347 -14.79 -10.74 3.87
CA GLU B 347 -14.72 -12.18 4.05
C GLU B 347 -14.23 -12.83 2.74
N GLU B 348 -14.70 -12.29 1.61
CA GLU B 348 -14.30 -12.76 0.29
C GLU B 348 -12.78 -12.57 0.09
N LYS B 349 -12.26 -11.42 0.53
CA LYS B 349 -10.83 -11.12 0.41
C LYS B 349 -10.01 -12.06 1.31
N THR B 350 -10.50 -12.31 2.54
CA THR B 350 -9.78 -13.13 3.51
C THR B 350 -9.63 -14.54 2.94
N LYS B 351 -10.70 -15.05 2.30
CA LYS B 351 -10.68 -16.36 1.67
C LYS B 351 -9.69 -16.35 0.50
N MET B 352 -9.83 -15.40 -0.42
CA MET B 352 -8.99 -15.35 -1.63
C MET B 352 -7.50 -15.24 -1.29
N ALA B 353 -7.18 -14.54 -0.19
CA ALA B 353 -5.79 -14.41 0.24
C ALA B 353 -5.15 -15.79 0.46
N GLN B 354 -5.91 -16.71 1.07
CA GLN B 354 -5.39 -18.05 1.38
C GLN B 354 -5.32 -18.90 0.10
N ALA B 355 -6.26 -18.70 -0.83
CA ALA B 355 -6.17 -19.30 -2.15
C ALA B 355 -4.89 -18.84 -2.85
N MET B 356 -4.59 -17.54 -2.79
CA MET B 356 -3.45 -16.97 -3.50
C MET B 356 -2.13 -17.37 -2.83
N ASN B 357 -2.19 -17.69 -1.53
CA ASN B 357 -1.05 -18.17 -0.77
C ASN B 357 -0.80 -19.67 -1.06
N LEU B 358 -1.81 -20.49 -0.80
CA LEU B 358 -1.61 -21.93 -0.77
C LEU B 358 -1.49 -22.53 -2.17
N LEU B 359 -2.01 -21.86 -3.21
CA LEU B 359 -1.89 -22.39 -4.59
C LEU B 359 -0.62 -21.86 -5.30
N MET B 360 0.31 -21.28 -4.52
CA MET B 360 1.62 -20.88 -5.07
C MET B 360 2.54 -22.10 -5.13
N PRO B 361 3.54 -22.12 -6.04
CA PRO B 361 4.53 -23.20 -6.09
C PRO B 361 5.31 -23.41 -4.78
N GLY B 362 5.69 -24.67 -4.53
CA GLY B 362 6.59 -25.01 -3.44
C GLY B 362 5.87 -25.60 -2.25
N ASN B 363 6.43 -25.34 -1.07
CA ASN B 363 5.98 -25.87 0.21
C ASN B 363 5.18 -24.76 0.88
N ALA B 364 3.85 -24.88 0.92
CA ALA B 364 2.95 -23.81 1.35
C ALA B 364 2.71 -23.89 2.86
N PHE B 365 2.67 -22.73 3.52
CA PHE B 365 2.53 -22.63 4.96
C PHE B 365 1.23 -21.91 5.32
N LEU B 366 0.48 -22.50 6.26
CA LEU B 366 -0.75 -21.96 6.83
C LEU B 366 -0.57 -21.79 8.35
N TYR B 367 -0.74 -20.56 8.83
CA TYR B 367 -0.62 -20.22 10.26
C TYR B 367 -1.91 -20.62 11.00
N TYR B 368 -1.77 -21.36 12.11
CA TYR B 368 -2.92 -21.81 12.89
C TYR B 368 -3.86 -20.62 13.13
N GLY B 369 -5.16 -20.85 12.91
CA GLY B 369 -6.18 -19.84 13.14
C GLY B 369 -6.59 -19.08 11.89
N GLU B 370 -5.70 -19.02 10.89
CA GLU B 370 -5.99 -18.31 9.66
C GLU B 370 -7.13 -19.01 8.89
N GLU B 371 -7.31 -20.32 9.10
CA GLU B 371 -8.36 -21.07 8.41
C GLU B 371 -9.74 -20.75 9.00
N ILE B 372 -9.80 -20.12 10.19
CA ILE B 372 -11.11 -19.68 10.73
C ILE B 372 -11.14 -18.14 10.88
N GLY B 373 -10.22 -17.44 10.23
CA GLY B 373 -10.24 -15.97 10.16
C GLY B 373 -10.15 -15.31 11.53
N MET B 374 -9.26 -15.84 12.38
CA MET B 374 -8.97 -15.19 13.65
C MET B 374 -8.38 -13.80 13.39
N ARG B 375 -8.74 -12.84 14.24
CA ARG B 375 -8.18 -11.51 14.22
C ARG B 375 -7.15 -11.37 15.35
N GLY B 376 -6.21 -10.45 15.14
CA GLY B 376 -5.25 -10.05 16.18
C GLY B 376 -3.99 -9.44 15.58
N THR B 377 -3.64 -8.24 16.07
CA THR B 377 -2.49 -7.46 15.53
C THR B 377 -1.93 -6.42 16.52
N ALA B 378 -2.64 -6.08 17.59
CA ALA B 378 -2.28 -4.94 18.48
C ALA B 378 -0.84 -5.08 19.01
N ASN B 379 -0.43 -6.31 19.32
CA ASN B 379 0.95 -6.61 19.72
C ASN B 379 1.22 -8.08 19.36
N ASP B 380 2.47 -8.53 19.53
CA ASP B 380 2.84 -9.90 19.11
C ASP B 380 1.98 -10.95 19.86
N GLU B 381 1.72 -10.70 21.15
CA GLU B 381 0.90 -11.58 21.99
C GLU B 381 -0.47 -11.80 21.33
N THR B 382 -1.04 -10.73 20.78
CA THR B 382 -2.40 -10.72 20.25
C THR B 382 -2.47 -11.42 18.87
N LYS B 383 -1.32 -11.63 18.23
CA LYS B 383 -1.27 -12.39 17.00
C LYS B 383 -1.26 -13.90 17.30
N ARG B 384 -1.30 -14.24 18.59
CA ARG B 384 -0.98 -15.56 19.06
C ARG B 384 -2.01 -16.01 20.11
N LEU B 385 -3.28 -15.65 19.89
CA LEU B 385 -4.42 -15.98 20.78
C LEU B 385 -4.79 -17.47 20.65
N ALA B 386 -5.55 -17.96 21.63
CA ALA B 386 -5.94 -19.38 21.72
C ALA B 386 -6.76 -19.76 20.49
N MET B 387 -6.48 -20.96 19.95
CA MET B 387 -7.22 -21.52 18.84
C MET B 387 -8.70 -21.62 19.24
N ARG B 388 -9.61 -21.12 18.39
CA ARG B 388 -11.04 -20.93 18.72
C ARG B 388 -11.85 -22.19 18.35
N TRP B 389 -11.72 -23.22 19.18
CA TRP B 389 -12.31 -24.55 18.96
C TRP B 389 -13.84 -24.48 19.06
N SER B 390 -14.35 -23.67 19.99
CA SER B 390 -15.79 -23.50 20.27
C SER B 390 -15.99 -22.33 21.24
N GLY B 391 -17.24 -21.88 21.37
CA GLY B 391 -17.62 -20.66 22.08
C GLY B 391 -17.32 -20.67 23.58
N ASP B 392 -17.71 -21.74 24.28
CA ASP B 392 -17.64 -21.74 25.76
C ASP B 392 -16.17 -21.88 26.21
N LYS B 394 -14.34 -22.65 28.45
CA LYS B 394 -15.12 -23.62 29.24
C LYS B 394 -14.88 -25.03 28.68
N ALA B 395 -14.92 -25.15 27.34
CA ALA B 395 -14.75 -26.42 26.63
C ALA B 395 -13.36 -27.00 26.95
N LYS B 396 -13.31 -28.33 27.07
CA LYS B 396 -12.10 -29.04 27.47
C LYS B 396 -11.02 -28.78 26.40
N GLY B 397 -9.81 -28.45 26.87
CA GLY B 397 -8.62 -28.30 26.04
C GLY B 397 -8.44 -26.89 25.46
N MET B 398 -9.38 -26.00 25.75
CA MET B 398 -9.31 -24.62 25.31
C MET B 398 -8.17 -23.92 26.07
N CYS B 399 -7.42 -23.06 25.37
CA CYS B 399 -6.26 -22.41 25.93
C CYS B 399 -6.59 -20.97 26.32
N VAL B 400 -5.79 -20.45 27.25
CA VAL B 400 -5.95 -19.11 27.83
C VAL B 400 -5.30 -18.07 26.90
N GLY B 401 -4.21 -18.47 26.23
CA GLY B 401 -3.46 -17.59 25.33
C GLY B 401 -2.50 -16.68 26.12
N PRO B 402 -1.62 -15.92 25.43
CA PRO B 402 -0.66 -15.03 26.09
C PRO B 402 -1.29 -14.01 27.05
N GLN B 403 -0.71 -13.86 28.25
CA GLN B 403 -1.33 -13.07 29.33
C GLN B 403 -1.37 -11.58 28.97
N ASN B 404 -0.40 -11.10 28.18
CA ASN B 404 -0.29 -9.69 27.82
C ASN B 404 -0.89 -9.39 26.45
N ALA B 405 -1.72 -10.31 25.93
CA ALA B 405 -2.51 -10.04 24.73
C ALA B 405 -3.58 -8.99 25.08
N GLU B 406 -4.08 -8.29 24.06
CA GLU B 406 -5.16 -7.31 24.22
C GLU B 406 -6.47 -7.92 23.71
N GLU B 407 -7.59 -7.51 24.32
CA GLU B 407 -8.93 -7.94 23.90
C GLU B 407 -9.15 -7.47 22.46
N THR B 408 -9.65 -8.39 21.62
CA THR B 408 -9.86 -8.16 20.19
C THR B 408 -11.20 -8.76 19.78
N GLU B 409 -12.04 -7.98 19.09
CA GLU B 409 -13.31 -8.51 18.59
C GLU B 409 -13.01 -9.46 17.41
N GLN B 410 -13.53 -10.69 17.52
CA GLN B 410 -13.47 -11.68 16.45
C GLN B 410 -14.74 -11.54 15.61
N THR B 411 -14.59 -11.43 14.28
CA THR B 411 -15.73 -11.15 13.42
C THR B 411 -16.34 -12.45 12.88
N TYR B 412 -15.56 -13.55 12.88
CA TYR B 412 -15.98 -14.83 12.29
C TYR B 412 -16.28 -15.84 13.40
N ASP B 413 -16.94 -16.93 13.03
CA ASP B 413 -17.41 -17.95 13.96
C ASP B 413 -16.23 -18.81 14.44
N THR B 414 -16.46 -19.51 15.57
CA THR B 414 -15.54 -20.52 16.09
C THR B 414 -15.54 -21.72 15.13
N LEU B 415 -14.59 -22.63 15.32
CA LEU B 415 -14.29 -23.71 14.37
C LEU B 415 -15.46 -24.69 14.23
N ASP B 416 -16.05 -25.10 15.37
CA ASP B 416 -17.17 -26.05 15.41
C ASP B 416 -18.30 -25.58 14.48
N LYS B 417 -18.58 -24.27 14.47
CA LYS B 417 -19.67 -23.71 13.70
C LYS B 417 -19.25 -23.54 12.23
N GLN B 418 -17.99 -23.17 11.98
CA GLN B 418 -17.46 -22.94 10.62
C GLN B 418 -17.44 -24.26 9.82
N MET B 419 -17.22 -25.39 10.50
CA MET B 419 -17.22 -26.70 9.85
C MET B 419 -18.59 -27.01 9.24
N GLU B 420 -19.67 -26.65 9.93
CA GLU B 420 -21.05 -26.96 9.49
C GLU B 420 -21.60 -25.85 8.58
N ASP B 421 -20.78 -24.84 8.23
CA ASP B 421 -21.15 -23.77 7.33
C ASP B 421 -20.42 -23.98 6.00
N PRO B 422 -21.13 -24.35 4.91
CA PRO B 422 -20.45 -24.61 3.64
C PRO B 422 -19.72 -23.37 3.09
N TYR B 423 -20.13 -22.17 3.51
CA TYR B 423 -19.52 -20.94 2.99
C TYR B 423 -18.57 -20.30 4.02
N SER B 424 -18.11 -21.10 4.99
CA SER B 424 -17.20 -20.60 6.02
C SER B 424 -15.79 -20.51 5.44
N ILE B 425 -14.92 -19.79 6.15
CA ILE B 425 -13.51 -19.63 5.77
C ILE B 425 -12.83 -21.00 5.87
N TYR B 426 -13.13 -21.71 6.96
CA TYR B 426 -12.66 -23.06 7.17
C TYR B 426 -12.87 -23.91 5.90
N ASN B 427 -14.11 -23.98 5.42
CA ASN B 427 -14.45 -24.86 4.33
C ASN B 427 -13.79 -24.39 3.02
N PHE B 428 -13.57 -23.07 2.89
CA PHE B 428 -12.92 -22.50 1.72
C PHE B 428 -11.46 -22.94 1.65
N VAL B 429 -10.78 -22.91 2.81
CA VAL B 429 -9.35 -23.23 2.91
C VAL B 429 -9.15 -24.74 2.73
N LYS B 430 -10.03 -25.53 3.35
CA LYS B 430 -10.05 -26.97 3.18
C LYS B 430 -10.20 -27.35 1.70
N GLN B 431 -11.10 -26.66 0.98
CA GLN B 431 -11.28 -26.88 -0.46
C GLN B 431 -10.01 -26.49 -1.24
N THR B 432 -9.40 -25.35 -0.86
CA THR B 432 -8.15 -24.88 -1.47
C THR B 432 -7.06 -25.95 -1.37
N ILE B 433 -6.86 -26.47 -0.16
CA ILE B 433 -5.81 -27.43 0.12
C ILE B 433 -6.11 -28.72 -0.66
N SER B 434 -7.40 -29.06 -0.81
CA SER B 434 -7.81 -30.28 -1.53
C SER B 434 -7.43 -30.18 -3.02
N ILE B 435 -7.55 -28.99 -3.61
CA ILE B 435 -7.13 -28.75 -5.01
C ILE B 435 -5.62 -28.96 -5.10
N ARG B 436 -4.88 -28.36 -4.16
CA ARG B 436 -3.44 -28.51 -4.08
C ARG B 436 -3.08 -30.01 -4.04
N ASN B 437 -3.79 -30.77 -3.20
CA ASN B 437 -3.49 -32.17 -2.92
C ASN B 437 -3.94 -33.08 -4.08
N ALA B 438 -4.76 -32.55 -5.01
CA ALA B 438 -5.28 -33.32 -6.17
C ALA B 438 -4.37 -33.18 -7.38
N PHE B 439 -3.60 -32.08 -7.46
CA PHE B 439 -2.85 -31.73 -8.66
C PHE B 439 -1.42 -31.36 -8.28
N PRO B 440 -0.50 -32.34 -8.27
CA PRO B 440 0.89 -32.12 -7.90
C PRO B 440 1.64 -31.03 -8.68
N GLU B 441 1.19 -30.73 -9.90
CA GLU B 441 1.83 -29.69 -10.71
C GLU B 441 1.62 -28.30 -10.10
N ILE B 442 0.62 -28.11 -9.24
CA ILE B 442 0.39 -26.77 -8.69
C ILE B 442 1.61 -26.37 -7.83
N ALA B 443 2.12 -27.31 -7.04
CA ALA B 443 3.24 -27.02 -6.14
C ALA B 443 4.60 -27.20 -6.84
N ARG B 444 4.69 -28.21 -7.72
CA ARG B 444 5.98 -28.72 -8.22
C ARG B 444 6.24 -28.32 -9.68
N GLY B 445 5.27 -27.70 -10.36
CA GLY B 445 5.38 -27.47 -11.79
C GLY B 445 6.12 -26.18 -12.11
N THR B 446 6.60 -26.10 -13.36
CA THR B 446 7.08 -24.85 -13.94
C THR B 446 5.91 -23.87 -13.97
N ASN B 447 6.18 -22.63 -13.57
CA ASN B 447 5.18 -21.60 -13.52
C ASN B 447 5.37 -20.67 -14.72
N THR B 448 4.34 -20.56 -15.55
CA THR B 448 4.26 -19.57 -16.63
C THR B 448 3.15 -18.59 -16.27
N PHE B 449 3.46 -17.29 -16.23
CA PHE B 449 2.42 -16.27 -16.08
C PHE B 449 1.95 -15.90 -17.48
N GLU B 450 0.65 -16.11 -17.74
CA GLU B 450 0.06 -15.87 -19.06
C GLU B 450 -0.34 -14.38 -19.14
N LYS B 451 0.69 -13.55 -19.27
CA LYS B 451 0.59 -12.10 -19.13
C LYS B 451 -0.37 -11.53 -20.18
N ASP B 452 -0.28 -12.03 -21.42
CA ASP B 452 -1.07 -11.51 -22.55
C ASP B 452 -2.57 -11.78 -22.37
N LEU B 453 -2.95 -12.77 -21.56
CA LEU B 453 -4.38 -13.07 -21.29
C LEU B 453 -4.86 -12.46 -19.97
N SER B 454 -3.95 -11.92 -19.17
CA SER B 454 -4.24 -11.40 -17.83
C SER B 454 -4.39 -9.88 -17.89
N ASN B 455 -5.05 -9.31 -16.88
CA ASN B 455 -5.34 -7.88 -16.81
C ASN B 455 -5.44 -7.47 -15.33
N ASP B 456 -6.23 -6.43 -15.03
CA ASP B 456 -6.38 -5.88 -13.69
C ASP B 456 -7.33 -6.75 -12.85
N ASN B 457 -8.14 -7.58 -13.51
CA ASN B 457 -9.19 -8.36 -12.83
C ASN B 457 -8.81 -9.85 -12.73
N VAL B 458 -8.15 -10.41 -13.74
CA VAL B 458 -7.83 -11.82 -13.71
C VAL B 458 -6.34 -12.03 -13.96
N CYS B 459 -5.85 -13.06 -13.28
CA CYS B 459 -4.47 -13.49 -13.30
C CYS B 459 -4.43 -14.97 -13.68
N ILE B 460 -3.71 -15.31 -14.75
CA ILE B 460 -3.73 -16.65 -15.32
C ILE B 460 -2.32 -17.24 -15.31
N PHE B 461 -2.18 -18.47 -14.78
CA PHE B 461 -0.93 -19.24 -14.78
C PHE B 461 -1.11 -20.61 -15.43
N THR B 462 -0.04 -21.15 -16.01
CA THR B 462 0.04 -22.56 -16.32
C THR B 462 1.13 -23.19 -15.46
N ARG B 463 0.83 -24.37 -14.93
CA ARG B 463 1.73 -25.18 -14.13
C ARG B 463 1.99 -26.49 -14.89
N GLU B 464 3.26 -26.81 -15.13
CA GLU B 464 3.63 -27.99 -15.91
C GLU B 464 4.64 -28.85 -15.13
N TYR B 465 4.27 -30.10 -14.92
CA TYR B 465 5.06 -31.05 -14.14
C TYR B 465 4.95 -32.43 -14.79
N ASN B 466 6.06 -32.89 -15.39
CA ASN B 466 6.20 -34.26 -15.93
C ASN B 466 5.03 -34.56 -16.88
N GLY B 467 4.84 -33.69 -17.88
CA GLY B 467 3.88 -33.95 -18.95
C GLY B 467 2.48 -33.44 -18.64
N GLU B 468 2.15 -33.27 -17.35
CA GLU B 468 0.83 -32.83 -16.87
C GLU B 468 0.84 -31.31 -16.71
N LYS B 469 -0.28 -30.68 -17.09
CA LYS B 469 -0.34 -29.25 -17.26
C LYS B 469 -1.69 -28.74 -16.73
N ALA B 470 -1.65 -27.79 -15.79
CA ALA B 470 -2.85 -27.19 -15.24
C ALA B 470 -2.84 -25.67 -15.49
N VAL B 471 -4.03 -25.09 -15.58
CA VAL B 471 -4.23 -23.64 -15.72
C VAL B 471 -4.93 -23.11 -14.48
N LEU B 472 -4.35 -22.10 -13.83
CA LEU B 472 -4.95 -21.42 -12.69
C LEU B 472 -5.43 -20.04 -13.14
N ILE B 473 -6.70 -19.74 -12.84
CA ILE B 473 -7.29 -18.46 -13.11
C ILE B 473 -7.82 -17.89 -11.79
N PHE B 474 -7.27 -16.74 -11.38
CA PHE B 474 -7.68 -16.00 -10.18
C PHE B 474 -8.42 -14.74 -10.58
N ASN B 475 -9.55 -14.47 -9.91
CA ASN B 475 -10.25 -13.19 -9.97
C ASN B 475 -10.22 -12.60 -8.56
N PRO B 476 -9.13 -11.91 -8.16
CA PRO B 476 -9.06 -11.26 -6.85
C PRO B 476 -9.65 -9.83 -6.83
N SER B 477 -10.60 -9.56 -7.75
CA SER B 477 -11.23 -8.26 -7.89
C SER B 477 -12.70 -8.36 -7.49
N LYS B 478 -13.35 -7.20 -7.35
CA LYS B 478 -14.74 -7.15 -6.91
C LYS B 478 -15.71 -7.25 -8.10
N ASP B 479 -15.20 -7.57 -9.30
CA ASP B 479 -16.01 -7.58 -10.52
C ASP B 479 -15.99 -8.98 -11.16
N GLU B 480 -17.16 -9.41 -11.64
CA GLU B 480 -17.30 -10.50 -12.60
C GLU B 480 -16.34 -10.22 -13.76
N ALA B 481 -15.59 -11.24 -14.17
CA ALA B 481 -14.65 -11.13 -15.27
C ALA B 481 -14.72 -12.41 -16.11
N SER B 482 -14.66 -12.24 -17.44
CA SER B 482 -14.59 -13.37 -18.35
C SER B 482 -13.31 -13.26 -19.17
N VAL B 483 -12.75 -14.40 -19.57
CA VAL B 483 -11.50 -14.39 -20.29
C VAL B 483 -11.45 -15.62 -21.20
N ASP B 484 -11.01 -15.38 -22.44
CA ASP B 484 -10.85 -16.39 -23.46
C ASP B 484 -9.45 -17.00 -23.34
N VAL B 485 -9.37 -18.28 -22.97
CA VAL B 485 -8.09 -18.95 -22.75
C VAL B 485 -7.85 -20.02 -23.82
N SER B 486 -8.56 -19.93 -24.96
CA SER B 486 -8.45 -20.97 -25.99
C SER B 486 -7.10 -20.91 -26.73
N SER B 487 -6.37 -19.79 -26.62
CA SER B 487 -5.01 -19.69 -27.17
C SER B 487 -4.01 -20.59 -26.42
N LEU B 488 -4.38 -21.08 -25.23
CA LEU B 488 -3.54 -21.98 -24.44
C LEU B 488 -3.70 -23.45 -24.89
N GLY B 489 -4.77 -23.73 -25.63
CA GLY B 489 -5.12 -25.09 -26.07
C GLY B 489 -6.49 -25.52 -25.56
N VAL B 490 -6.73 -26.83 -25.61
CA VAL B 490 -7.98 -27.47 -25.23
C VAL B 490 -7.95 -27.75 -23.73
N ASN B 491 -8.94 -27.23 -22.99
CA ASN B 491 -8.95 -27.31 -21.55
C ASN B 491 -10.25 -27.96 -21.05
N ASP B 492 -10.14 -28.56 -19.86
CA ASP B 492 -11.25 -29.10 -19.10
C ASP B 492 -11.20 -28.49 -17.69
N ALA B 493 -12.28 -27.83 -17.28
CA ALA B 493 -12.44 -27.34 -15.91
C ALA B 493 -12.59 -28.54 -14.97
N VAL B 494 -11.74 -28.59 -13.95
CA VAL B 494 -11.69 -29.72 -13.02
C VAL B 494 -11.99 -29.26 -11.58
N ALA B 495 -11.68 -28.01 -11.24
CA ALA B 495 -11.83 -27.53 -9.87
C ALA B 495 -12.11 -26.03 -9.83
N MET B 496 -12.70 -25.57 -8.72
CA MET B 496 -12.94 -24.15 -8.52
C MET B 496 -13.01 -23.81 -7.02
N LEU B 497 -12.88 -22.51 -6.73
CA LEU B 497 -13.14 -21.92 -5.40
C LEU B 497 -14.11 -20.75 -5.57
N GLN B 498 -15.11 -20.68 -4.68
CA GLN B 498 -16.11 -19.65 -4.69
C GLN B 498 -16.20 -19.06 -3.29
N THR B 499 -16.31 -17.74 -3.21
CA THR B 499 -16.40 -17.04 -1.93
C THR B 499 -17.87 -16.73 -1.60
N THR B 500 -18.73 -16.70 -2.61
CA THR B 500 -20.18 -16.59 -2.42
C THR B 500 -20.88 -17.73 -3.18
N ALA B 501 -22.22 -17.71 -3.18
CA ALA B 501 -23.06 -18.65 -3.94
C ALA B 501 -22.79 -18.54 -5.44
N ALA B 502 -22.23 -17.40 -5.90
CA ALA B 502 -21.83 -17.25 -7.30
C ALA B 502 -20.55 -18.03 -7.55
N ALA B 503 -20.57 -18.87 -8.59
CA ALA B 503 -19.54 -19.85 -8.90
C ALA B 503 -18.95 -19.61 -10.29
N PRO B 504 -17.63 -19.79 -10.48
CA PRO B 504 -17.04 -19.82 -11.82
C PRO B 504 -17.66 -20.85 -12.78
N SER B 505 -17.71 -20.50 -14.06
CA SER B 505 -18.14 -21.37 -15.13
C SER B 505 -17.12 -21.33 -16.26
N TYR B 506 -17.13 -22.39 -17.08
CA TYR B 506 -16.24 -22.56 -18.20
C TYR B 506 -17.01 -23.23 -19.34
N LYS B 507 -16.80 -22.73 -20.57
CA LYS B 507 -17.39 -23.29 -21.77
C LYS B 507 -16.65 -22.77 -23.00
N ASP B 508 -16.11 -23.70 -23.80
CA ASP B 508 -15.60 -23.43 -25.13
C ASP B 508 -14.51 -22.36 -25.09
N GLY B 509 -13.60 -22.51 -24.12
CA GLY B 509 -12.43 -21.69 -24.00
C GLY B 509 -12.69 -20.34 -23.36
N THR B 510 -13.91 -20.06 -22.89
CA THR B 510 -14.18 -18.85 -22.12
C THR B 510 -14.50 -19.22 -20.65
N ALA B 511 -13.65 -18.73 -19.75
CA ALA B 511 -13.86 -18.75 -18.30
C ALA B 511 -14.62 -17.49 -17.89
N LYS B 512 -15.70 -17.66 -17.12
CA LYS B 512 -16.37 -16.56 -16.44
C LYS B 512 -16.21 -16.77 -14.93
N LEU B 513 -15.57 -15.79 -14.28
CA LEU B 513 -15.29 -15.83 -12.86
C LEU B 513 -16.04 -14.70 -12.16
N PRO B 514 -16.93 -15.01 -11.20
CA PRO B 514 -17.51 -13.97 -10.36
C PRO B 514 -16.38 -13.37 -9.50
N ALA B 515 -16.70 -12.26 -8.86
CA ALA B 515 -15.79 -11.61 -7.94
C ALA B 515 -15.30 -12.63 -6.90
N TYR B 516 -13.98 -12.63 -6.69
CA TYR B 516 -13.33 -13.34 -5.58
C TYR B 516 -13.58 -14.83 -5.73
N SER B 517 -13.07 -15.39 -6.83
CA SER B 517 -13.20 -16.80 -7.16
C SER B 517 -11.92 -17.28 -7.88
N VAL B 518 -11.79 -18.60 -8.00
CA VAL B 518 -10.65 -19.25 -8.65
C VAL B 518 -11.21 -20.36 -9.54
N LEU B 519 -10.62 -20.53 -10.72
CA LEU B 519 -10.99 -21.63 -11.61
C LEU B 519 -9.72 -22.39 -11.99
N VAL B 520 -9.80 -23.72 -11.95
CA VAL B 520 -8.69 -24.59 -12.28
C VAL B 520 -9.08 -25.47 -13.47
N LEU B 521 -8.22 -25.44 -14.50
CA LEU B 521 -8.38 -26.27 -15.67
C LEU B 521 -7.20 -27.22 -15.80
N LYS B 522 -7.46 -28.30 -16.55
CA LYS B 522 -6.48 -29.22 -17.01
C LYS B 522 -6.39 -29.09 -18.54
N GLU B 523 -5.15 -29.09 -19.07
CA GLU B 523 -4.94 -29.03 -20.51
C GLU B 523 -4.74 -30.45 -21.05
N ASN B 524 -5.29 -30.72 -22.23
CA ASN B 524 -5.15 -32.02 -22.89
C ASN B 524 -4.25 -31.82 -24.12
N LEU B 525 -3.05 -32.42 -24.09
CA LEU B 525 -1.96 -32.06 -25.01
C LEU B 525 -2.01 -32.90 -26.30
N TYR B 526 -1.78 -34.21 -26.21
CA TYR B 526 -1.79 -35.11 -27.40
C TYR B 526 -0.64 -34.75 -28.36
#